data_6RJO
#
_entry.id   6RJO
#
_cell.length_a   63.747
_cell.length_b   81.008
_cell.length_c   183.749
_cell.angle_alpha   90.00
_cell.angle_beta   90.00
_cell.angle_gamma   90.00
#
_symmetry.space_group_name_H-M   'P 21 21 21'
#
loop_
_entity.id
_entity.type
_entity.pdbx_description
1 polymer Beta-glucosidase
2 non-polymer '2-(hydroxymethyl)phenyl beta-D-glucopyranoside'
3 water water
#
_entity_poly.entity_id   1
_entity_poly.type   'polypeptide(L)'
_entity_poly.pdbx_seq_one_letter_code
;MGSSHHHHHHSSGLVPRGSHMLEMDDERAYPMTDHKALAARFPGDFLFGVATASFQIEGATKVDGRKPSIWDAFCNMPGH
VFGRHNGDVACDHYNRWEDDLDLIKEMGVEAYRFSIAWPRIIPDGFGPINEKGLDFYDRLVDGCKARGIKTYATLYHWDL
PLTLMGDGGWASRSTAHAFQRYAKTVMARLGDRLDAVATFNSPWCAVWLSHLYGIHAPGERNMEAALAAMHHINLAHGFG
VEASRHVAPKVPVGLVLNAHSVIPASNSDADMKAAERAFQFHNGAFFDPVFKGEYPAEMIEALGSRMPVVEAEDLSIISQ
KLDWWGLNYYTPMRVADDATEGAEFPATKQAPAVSDVKTDIGWEVYAPALHSLVETLYERYELPDCYITENGACYNMGVE
NGEVDDQPRLDYYAEHLGIVADLVKDGYPMRGYFAWSLMDNFEWAEGYRMRFGLVHVDYETQVRTLKNSGKWYSALASGF
PKGNHGVMKG
;
_entity_poly.pdbx_strand_id   A,B
#
loop_
_chem_comp.id
_chem_comp.type
_chem_comp.name
_chem_comp.formula
SA0 D-saccharide '2-(hydroxymethyl)phenyl beta-D-glucopyranoside' 'C13 H18 O7'
#
# COMPACT_ATOMS: atom_id res chain seq x y z
N ALA A 29 18.93 -30.77 -52.29
CA ALA A 29 18.63 -30.71 -50.86
C ALA A 29 17.39 -31.53 -50.51
N TYR A 30 17.30 -31.91 -49.24
CA TYR A 30 16.23 -32.75 -48.73
C TYR A 30 15.58 -32.03 -47.56
N PRO A 31 14.35 -32.43 -47.18
CA PRO A 31 13.61 -31.68 -46.15
C PRO A 31 14.41 -31.57 -44.85
N MET A 32 14.28 -30.44 -44.19
CA MET A 32 14.98 -30.20 -42.95
C MET A 32 13.98 -29.58 -41.97
N THR A 33 14.10 -29.91 -40.69
CA THR A 33 13.18 -29.37 -39.69
C THR A 33 13.38 -27.87 -39.55
N ASP A 34 12.35 -27.15 -39.11
CA ASP A 34 12.49 -25.71 -38.93
C ASP A 34 13.53 -25.38 -37.86
N HIS A 35 13.62 -26.16 -36.79
CA HIS A 35 14.59 -25.84 -35.75
C HIS A 35 16.03 -26.09 -36.18
N LYS A 36 16.24 -27.07 -37.05
CA LYS A 36 17.60 -27.32 -37.52
C LYS A 36 18.05 -26.22 -38.46
N ALA A 37 17.14 -25.78 -39.34
CA ALA A 37 17.47 -24.72 -40.27
C ALA A 37 17.75 -23.43 -39.47
N LEU A 38 16.97 -23.23 -38.42
CA LEU A 38 17.11 -22.05 -37.57
C LEU A 38 18.44 -22.07 -36.81
N ALA A 39 18.82 -23.22 -36.27
CA ALA A 39 20.07 -23.34 -35.52
C ALA A 39 21.28 -22.94 -36.36
N ALA A 40 21.20 -23.12 -37.68
CA ALA A 40 22.31 -22.81 -38.57
C ALA A 40 22.51 -21.29 -38.72
N ARG A 41 21.50 -20.51 -38.34
CA ARG A 41 21.60 -19.06 -38.44
C ARG A 41 22.25 -18.41 -37.21
N PHE A 42 22.55 -19.21 -36.18
CA PHE A 42 23.17 -18.68 -34.97
C PHE A 42 24.63 -19.09 -34.86
N PRO A 43 25.47 -18.20 -34.30
CA PRO A 43 26.88 -18.52 -34.09
C PRO A 43 27.02 -19.66 -33.08
N GLY A 44 28.13 -20.41 -33.16
CA GLY A 44 28.33 -21.56 -32.30
C GLY A 44 28.33 -21.28 -30.80
N ASP A 45 28.70 -20.06 -30.42
CA ASP A 45 28.80 -19.73 -29.01
C ASP A 45 27.54 -19.04 -28.47
N PHE A 46 26.48 -19.03 -29.26
CA PHE A 46 25.25 -18.34 -28.86
C PHE A 46 24.71 -18.95 -27.57
N LEU A 47 24.24 -18.11 -26.65
CA LEU A 47 23.76 -18.59 -25.36
C LEU A 47 22.24 -18.68 -25.39
N PHE A 48 21.71 -19.89 -25.18
CA PHE A 48 20.26 -20.06 -25.01
C PHE A 48 19.95 -20.32 -23.56
N GLY A 49 18.87 -19.71 -23.06
CA GLY A 49 18.49 -19.85 -21.67
C GLY A 49 17.00 -19.94 -21.49
N VAL A 50 16.58 -20.18 -20.24
CA VAL A 50 15.19 -20.00 -19.82
C VAL A 50 15.20 -19.10 -18.58
N ALA A 51 14.10 -18.44 -18.28
CA ALA A 51 14.07 -17.43 -17.22
C ALA A 51 12.85 -17.54 -16.33
N THR A 52 13.01 -17.15 -15.06
CA THR A 52 11.94 -17.11 -14.05
C THR A 52 12.15 -15.88 -13.15
N ALA A 53 11.20 -15.62 -12.25
CA ALA A 53 11.34 -14.60 -11.20
C ALA A 53 10.81 -15.14 -9.87
N SER A 54 11.42 -14.73 -8.76
CA SER A 54 11.17 -15.33 -7.45
C SER A 54 9.71 -15.40 -7.04
N PHE A 55 9.02 -14.27 -7.06
CA PHE A 55 7.66 -14.24 -6.54
C PHE A 55 6.70 -15.03 -7.43
N GLN A 56 7.05 -15.17 -8.71
CA GLN A 56 6.17 -15.85 -9.64
C GLN A 56 6.16 -17.37 -9.46
N ILE A 57 7.26 -17.93 -8.96
CA ILE A 57 7.38 -19.39 -8.91
C ILE A 57 7.61 -20.02 -7.54
N GLU A 58 8.17 -19.27 -6.60
CA GLU A 58 8.72 -19.89 -5.39
C GLU A 58 7.71 -20.44 -4.40
N GLY A 59 6.65 -19.69 -4.13
CA GLY A 59 5.77 -20.01 -3.02
C GLY A 59 6.52 -19.88 -1.70
N ALA A 60 6.09 -20.62 -0.68
CA ALA A 60 6.76 -20.61 0.63
C ALA A 60 7.01 -19.18 1.12
N THR A 61 5.95 -18.38 1.14
CA THR A 61 6.09 -16.96 1.43
C THR A 61 6.32 -16.61 2.91
N LYS A 62 6.06 -17.55 3.80
CA LYS A 62 6.22 -17.30 5.22
C LYS A 62 7.20 -18.28 5.88
N VAL A 63 8.00 -18.97 5.08
CA VAL A 63 8.97 -19.93 5.61
C VAL A 63 10.39 -19.34 5.69
N ASP A 64 11.21 -19.92 6.56
CA ASP A 64 12.63 -19.57 6.71
C ASP A 64 12.95 -18.08 6.83
N GLY A 65 12.15 -17.34 7.58
CA GLY A 65 12.47 -15.96 7.88
C GLY A 65 12.01 -14.94 6.87
N ARG A 66 11.37 -15.38 5.79
CA ARG A 66 10.83 -14.44 4.80
C ARG A 66 9.70 -13.59 5.38
N LYS A 67 9.71 -12.30 5.04
CA LYS A 67 8.68 -11.36 5.46
C LYS A 67 7.97 -10.87 4.21
N PRO A 68 6.79 -10.24 4.37
CA PRO A 68 5.99 -9.88 3.19
C PRO A 68 6.67 -8.91 2.25
N SER A 69 6.37 -9.03 0.95
CA SER A 69 6.76 -8.03 -0.02
C SER A 69 5.56 -7.16 -0.38
N ILE A 70 5.81 -6.09 -1.13
CA ILE A 70 4.71 -5.26 -1.62
C ILE A 70 3.73 -6.06 -2.49
N TRP A 71 4.19 -7.16 -3.08
CA TRP A 71 3.29 -7.98 -3.90
C TRP A 71 2.40 -8.91 -3.08
N ASP A 72 2.87 -9.35 -1.92
CA ASP A 72 1.98 -10.06 -1.00
C ASP A 72 0.81 -9.15 -0.60
N ALA A 73 1.12 -7.92 -0.25
CA ALA A 73 0.10 -6.93 0.10
C ALA A 73 -0.84 -6.65 -1.07
N PHE A 74 -0.25 -6.42 -2.25
CA PHE A 74 -1.00 -6.08 -3.46
C PHE A 74 -1.96 -7.20 -3.83
N CYS A 75 -1.48 -8.43 -3.82
CA CYS A 75 -2.31 -9.60 -4.15
C CYS A 75 -3.51 -9.76 -3.22
N ASN A 76 -3.29 -9.58 -1.92
CA ASN A 76 -4.29 -9.89 -0.91
C ASN A 76 -5.31 -8.79 -0.66
N MET A 77 -5.05 -7.60 -1.21
CA MET A 77 -6.04 -6.51 -1.15
C MET A 77 -6.96 -6.58 -2.38
N PRO A 78 -8.27 -6.84 -2.18
CA PRO A 78 -9.20 -7.01 -3.29
C PRO A 78 -9.12 -5.90 -4.33
N GLY A 79 -9.14 -6.26 -5.61
CA GLY A 79 -9.21 -5.29 -6.68
C GLY A 79 -7.97 -5.15 -7.52
N HIS A 80 -6.84 -5.65 -7.01
CA HIS A 80 -5.55 -5.45 -7.69
C HIS A 80 -5.18 -6.61 -8.60
N VAL A 81 -5.48 -7.82 -8.17
CA VAL A 81 -5.05 -9.03 -8.89
C VAL A 81 -6.24 -9.92 -9.16
N PHE A 82 -6.31 -10.46 -10.37
CA PHE A 82 -7.39 -11.38 -10.74
C PHE A 82 -7.57 -12.49 -9.73
N GLY A 83 -8.81 -12.73 -9.31
CA GLY A 83 -9.13 -13.81 -8.38
C GLY A 83 -8.52 -13.67 -7.00
N ARG A 84 -7.94 -12.49 -6.73
CA ARG A 84 -7.10 -12.31 -5.54
C ARG A 84 -6.02 -13.37 -5.44
N HIS A 85 -5.55 -13.84 -6.60
CA HIS A 85 -4.48 -14.85 -6.60
C HIS A 85 -3.26 -14.26 -5.93
N ASN A 86 -2.52 -15.10 -5.20
CA ASN A 86 -1.32 -14.60 -4.53
C ASN A 86 -0.15 -15.55 -4.73
N GLY A 87 0.98 -15.23 -4.13
CA GLY A 87 2.17 -16.05 -4.32
C GLY A 87 2.45 -17.07 -3.22
N ASP A 88 1.47 -17.34 -2.36
CA ASP A 88 1.72 -18.22 -1.22
C ASP A 88 2.20 -19.61 -1.65
N VAL A 89 1.68 -20.10 -2.78
CA VAL A 89 2.03 -21.44 -3.26
C VAL A 89 2.76 -21.41 -4.60
N ALA A 90 2.18 -20.68 -5.56
CA ALA A 90 2.74 -20.59 -6.92
C ALA A 90 3.06 -21.97 -7.48
N CYS A 91 4.30 -22.13 -7.95
CA CYS A 91 4.73 -23.41 -8.50
C CYS A 91 5.48 -24.23 -7.49
N ASP A 92 5.47 -23.77 -6.24
CA ASP A 92 6.13 -24.51 -5.15
C ASP A 92 7.61 -24.77 -5.46
N HIS A 93 8.24 -23.84 -6.16
CA HIS A 93 9.63 -24.00 -6.60
C HIS A 93 10.63 -24.00 -5.44
N TYR A 94 10.29 -23.28 -4.38
CA TYR A 94 11.14 -23.25 -3.20
C TYR A 94 11.41 -24.66 -2.68
N ASN A 95 10.39 -25.52 -2.76
CA ASN A 95 10.53 -26.91 -2.33
C ASN A 95 10.89 -27.87 -3.45
N ARG A 96 10.69 -27.46 -4.69
CA ARG A 96 10.92 -28.34 -5.84
C ARG A 96 12.06 -27.89 -6.77
N TRP A 97 12.94 -27.03 -6.26
CA TRP A 97 13.94 -26.41 -7.12
C TRP A 97 14.87 -27.40 -7.81
N GLU A 98 15.20 -28.49 -7.14
CA GLU A 98 16.12 -29.47 -7.73
C GLU A 98 15.47 -30.19 -8.90
N ASP A 99 14.19 -30.53 -8.75
CA ASP A 99 13.41 -31.11 -9.84
C ASP A 99 13.37 -30.16 -11.03
N ASP A 100 13.19 -28.87 -10.74
CA ASP A 100 13.13 -27.89 -11.81
C ASP A 100 14.49 -27.72 -12.49
N LEU A 101 15.57 -27.76 -11.72
CA LEU A 101 16.91 -27.73 -12.32
C LEU A 101 17.14 -28.95 -13.19
N ASP A 102 16.69 -30.12 -12.75
CA ASP A 102 16.86 -31.34 -13.54
C ASP A 102 16.14 -31.19 -14.88
N LEU A 103 15.00 -30.50 -14.86
CA LEU A 103 14.26 -30.23 -16.09
C LEU A 103 15.06 -29.35 -17.06
N ILE A 104 15.66 -28.27 -16.55
CA ILE A 104 16.54 -27.43 -17.37
C ILE A 104 17.63 -28.28 -18.01
N LYS A 105 18.24 -29.12 -17.20
CA LYS A 105 19.31 -30.00 -17.65
C LYS A 105 18.84 -30.93 -18.76
N GLU A 106 17.71 -31.60 -18.53
CA GLU A 106 17.14 -32.52 -19.53
C GLU A 106 16.85 -31.79 -20.84
N MET A 107 16.44 -30.54 -20.75
CA MET A 107 16.16 -29.74 -21.94
C MET A 107 17.42 -29.32 -22.71
N GLY A 108 18.58 -29.43 -22.07
CA GLY A 108 19.84 -29.12 -22.74
C GLY A 108 20.02 -27.63 -22.98
N VAL A 109 19.33 -26.83 -22.19
CA VAL A 109 19.48 -25.37 -22.26
C VAL A 109 20.71 -24.96 -21.45
N GLU A 110 21.56 -24.12 -22.02
CA GLU A 110 22.82 -23.76 -21.37
C GLU A 110 22.66 -22.90 -20.10
N ALA A 111 21.73 -21.94 -20.15
CA ALA A 111 21.65 -20.93 -19.08
C ALA A 111 20.32 -20.84 -18.36
N TYR A 112 20.37 -20.48 -17.08
CA TYR A 112 19.17 -20.24 -16.28
C TYR A 112 19.23 -18.82 -15.71
N ARG A 113 18.20 -18.03 -16.02
CA ARG A 113 18.07 -16.70 -15.45
C ARG A 113 16.97 -16.73 -14.40
N PHE A 114 17.30 -16.35 -13.16
CA PHE A 114 16.35 -16.35 -12.05
C PHE A 114 16.49 -15.05 -11.25
N SER A 115 15.50 -14.73 -10.42
CA SER A 115 15.68 -13.60 -9.51
C SER A 115 15.76 -14.02 -8.04
N ILE A 116 16.30 -13.13 -7.23
CA ILE A 116 16.54 -13.40 -5.84
C ILE A 116 15.59 -12.55 -5.01
N ALA A 117 14.96 -13.17 -4.03
CA ALA A 117 13.94 -12.47 -3.24
C ALA A 117 14.59 -11.67 -2.12
N TRP A 118 14.66 -10.36 -2.29
CA TRP A 118 15.05 -9.48 -1.20
C TRP A 118 14.30 -9.79 0.11
N PRO A 119 12.97 -10.05 0.05
CA PRO A 119 12.28 -10.40 1.31
C PRO A 119 12.82 -11.64 2.02
N ARG A 120 13.56 -12.51 1.34
CA ARG A 120 14.22 -13.64 2.00
C ARG A 120 15.59 -13.29 2.57
N ILE A 121 16.29 -12.36 1.91
CA ILE A 121 17.67 -12.08 2.25
C ILE A 121 17.81 -11.04 3.38
N ILE A 122 17.07 -9.94 3.24
CA ILE A 122 16.99 -8.91 4.27
C ILE A 122 15.51 -8.57 4.44
N PRO A 123 14.81 -9.34 5.28
CA PRO A 123 13.34 -9.37 5.29
C PRO A 123 12.67 -8.02 5.57
N ASP A 124 13.29 -7.15 6.36
CA ASP A 124 12.72 -5.81 6.58
C ASP A 124 13.25 -4.74 5.61
N GLY A 125 14.02 -5.15 4.60
CA GLY A 125 14.55 -4.17 3.68
C GLY A 125 15.89 -3.68 4.18
N PHE A 126 15.86 -2.95 5.29
CA PHE A 126 17.06 -2.69 6.09
C PHE A 126 17.10 -3.77 7.17
N GLY A 127 18.05 -3.69 8.09
CA GLY A 127 18.04 -4.59 9.23
C GLY A 127 18.87 -5.86 9.06
N PRO A 128 18.67 -6.82 9.97
CA PRO A 128 19.53 -8.01 10.02
C PRO A 128 19.44 -8.86 8.75
N ILE A 129 20.56 -9.48 8.38
CA ILE A 129 20.61 -10.37 7.23
C ILE A 129 20.06 -11.74 7.61
N ASN A 130 19.18 -12.30 6.77
CA ASN A 130 18.62 -13.63 7.01
C ASN A 130 19.49 -14.73 6.36
N GLU A 131 20.34 -15.35 7.16
CA GLU A 131 21.29 -16.34 6.64
C GLU A 131 20.58 -17.50 5.92
N LYS A 132 19.44 -17.93 6.46
CA LYS A 132 18.63 -18.98 5.83
C LYS A 132 18.19 -18.62 4.42
N GLY A 133 17.95 -17.34 4.19
CA GLY A 133 17.51 -16.89 2.88
C GLY A 133 18.67 -17.00 1.91
N LEU A 134 19.82 -16.47 2.32
CA LEU A 134 21.03 -16.57 1.52
C LEU A 134 21.32 -18.03 1.18
N ASP A 135 21.19 -18.91 2.17
CA ASP A 135 21.45 -20.34 1.99
C ASP A 135 20.66 -20.98 0.85
N PHE A 136 19.41 -20.59 0.68
CA PHE A 136 18.60 -21.16 -0.39
C PHE A 136 19.23 -20.87 -1.74
N TYR A 137 19.57 -19.62 -1.99
CA TYR A 137 20.16 -19.26 -3.27
C TYR A 137 21.58 -19.77 -3.41
N ASP A 138 22.27 -19.90 -2.28
CA ASP A 138 23.61 -20.48 -2.29
C ASP A 138 23.49 -21.92 -2.80
N ARG A 139 22.51 -22.65 -2.29
CA ARG A 139 22.31 -24.04 -2.70
C ARG A 139 21.82 -24.10 -4.15
N LEU A 140 20.97 -23.15 -4.54
CA LEU A 140 20.44 -23.11 -5.91
C LEU A 140 21.58 -22.96 -6.90
N VAL A 141 22.47 -22.01 -6.62
CA VAL A 141 23.61 -21.73 -7.49
C VAL A 141 24.57 -22.93 -7.56
N ASP A 142 24.86 -23.54 -6.42
CA ASP A 142 25.65 -24.78 -6.41
C ASP A 142 25.01 -25.88 -7.27
N GLY A 143 23.68 -25.95 -7.25
CA GLY A 143 22.94 -26.94 -8.01
C GLY A 143 23.04 -26.70 -9.51
N CYS A 144 23.08 -25.44 -9.91
CA CYS A 144 23.26 -25.13 -11.32
C CYS A 144 24.68 -25.49 -11.75
N LYS A 145 25.65 -25.11 -10.93
CA LYS A 145 27.05 -25.43 -11.21
C LYS A 145 27.18 -26.94 -11.39
N ALA A 146 26.58 -27.69 -10.47
CA ALA A 146 26.66 -29.15 -10.51
C ALA A 146 26.12 -29.74 -11.80
N ARG A 147 25.16 -29.05 -12.41
CA ARG A 147 24.53 -29.54 -13.64
C ARG A 147 25.09 -28.90 -14.91
N GLY A 148 26.08 -28.03 -14.76
CA GLY A 148 26.64 -27.32 -15.90
C GLY A 148 25.72 -26.27 -16.48
N ILE A 149 24.78 -25.78 -15.68
CA ILE A 149 23.88 -24.71 -16.09
C ILE A 149 24.46 -23.34 -15.69
N LYS A 150 24.64 -22.45 -16.67
CA LYS A 150 25.11 -21.09 -16.39
C LYS A 150 24.08 -20.27 -15.60
N THR A 151 24.54 -19.48 -14.65
CA THR A 151 23.62 -18.71 -13.80
C THR A 151 23.62 -17.21 -14.08
N TYR A 152 22.43 -16.68 -14.37
CA TYR A 152 22.22 -15.25 -14.56
C TYR A 152 21.23 -14.78 -13.51
N ALA A 153 21.74 -14.15 -12.45
CA ALA A 153 20.85 -13.70 -11.38
C ALA A 153 20.37 -12.27 -11.56
N THR A 154 19.09 -12.05 -11.27
CA THR A 154 18.49 -10.72 -11.22
C THR A 154 18.28 -10.39 -9.74
N LEU A 155 18.85 -9.28 -9.27
CA LEU A 155 18.74 -8.90 -7.87
C LEU A 155 17.33 -8.40 -7.51
N TYR A 156 16.71 -7.64 -8.42
CA TYR A 156 15.38 -7.08 -8.13
C TYR A 156 14.38 -7.30 -9.25
N HIS A 157 13.41 -8.19 -8.99
CA HIS A 157 12.32 -8.42 -9.93
C HIS A 157 11.01 -8.15 -9.20
N TRP A 158 10.94 -6.97 -8.58
CA TRP A 158 9.71 -6.31 -8.13
C TRP A 158 9.23 -6.62 -6.72
N ASP A 159 9.89 -7.57 -6.04
CA ASP A 159 9.43 -7.97 -4.71
C ASP A 159 10.07 -7.18 -3.57
N LEU A 160 9.82 -5.88 -3.53
CA LEU A 160 10.33 -5.03 -2.47
C LEU A 160 9.80 -5.48 -1.11
N PRO A 161 10.68 -5.54 -0.11
CA PRO A 161 10.17 -5.81 1.25
C PRO A 161 9.15 -4.76 1.68
N LEU A 162 8.00 -5.23 2.15
CA LEU A 162 6.89 -4.34 2.52
C LEU A 162 7.29 -3.29 3.56
N THR A 163 8.16 -3.68 4.50
CA THR A 163 8.58 -2.74 5.56
C THR A 163 9.17 -1.43 5.00
N LEU A 164 9.80 -1.49 3.83
CA LEU A 164 10.39 -0.29 3.25
C LEU A 164 9.34 0.73 2.84
N MET A 165 8.12 0.30 2.68
CA MET A 165 7.07 1.24 2.33
C MET A 165 6.84 2.27 3.45
N GLY A 166 7.22 1.91 4.67
CA GLY A 166 7.07 2.80 5.82
C GLY A 166 7.76 4.13 5.59
N ASP A 167 8.88 4.10 4.88
CA ASP A 167 9.66 5.30 4.61
C ASP A 167 9.23 5.97 3.33
N GLY A 168 8.36 5.32 2.57
CA GLY A 168 7.91 5.88 1.31
C GLY A 168 8.33 5.00 0.14
N GLY A 169 8.94 3.87 0.45
CA GLY A 169 9.34 2.96 -0.61
C GLY A 169 10.29 3.54 -1.61
N TRP A 170 10.04 3.30 -2.90
CA TRP A 170 10.95 3.78 -3.93
C TRP A 170 10.90 5.29 -4.02
N ALA A 171 9.86 5.89 -3.46
CA ALA A 171 9.78 7.34 -3.38
C ALA A 171 10.80 7.94 -2.41
N SER A 172 11.35 7.11 -1.53
CA SER A 172 12.36 7.58 -0.57
C SER A 172 13.75 7.17 -1.00
N ARG A 173 14.67 8.14 -1.02
CA ARG A 173 16.06 7.90 -1.41
C ARG A 173 16.73 6.83 -0.57
N SER A 174 16.32 6.69 0.68
CA SER A 174 16.88 5.67 1.57
C SER A 174 16.74 4.26 1.00
N THR A 175 15.70 4.06 0.20
CA THR A 175 15.41 2.73 -0.35
C THR A 175 16.51 2.30 -1.32
N ALA A 176 17.11 3.26 -2.02
CA ALA A 176 18.21 2.95 -2.93
C ALA A 176 19.40 2.42 -2.14
N HIS A 177 19.61 2.98 -0.95
CA HIS A 177 20.72 2.54 -0.11
C HIS A 177 20.41 1.17 0.50
N ALA A 178 19.13 0.92 0.76
CA ALA A 178 18.73 -0.41 1.25
C ALA A 178 19.05 -1.45 0.18
N PHE A 179 18.70 -1.15 -1.07
CA PHE A 179 19.01 -2.07 -2.17
C PHE A 179 20.52 -2.28 -2.32
N GLN A 180 21.27 -1.19 -2.17
CA GLN A 180 22.73 -1.20 -2.28
C GLN A 180 23.35 -2.21 -1.33
N ARG A 181 22.91 -2.18 -0.09
CA ARG A 181 23.41 -3.08 0.94
C ARG A 181 22.99 -4.53 0.63
N TYR A 182 21.75 -4.69 0.19
CA TYR A 182 21.23 -5.99 -0.22
C TYR A 182 22.06 -6.55 -1.36
N ALA A 183 22.34 -5.71 -2.35
CA ALA A 183 23.12 -6.14 -3.51
C ALA A 183 24.50 -6.63 -3.09
N LYS A 184 25.14 -5.83 -2.26
CA LYS A 184 26.47 -6.18 -1.75
C LYS A 184 26.43 -7.47 -0.95
N THR A 185 25.35 -7.68 -0.20
CA THR A 185 25.22 -8.88 0.60
C THR A 185 25.12 -10.14 -0.27
N VAL A 186 24.33 -10.05 -1.33
CA VAL A 186 24.10 -11.22 -2.18
C VAL A 186 25.37 -11.54 -2.95
N MET A 187 25.96 -10.52 -3.54
CA MET A 187 27.16 -10.72 -4.35
C MET A 187 28.36 -11.23 -3.54
N ALA A 188 28.46 -10.85 -2.29
CA ALA A 188 29.54 -11.37 -1.44
C ALA A 188 29.42 -12.88 -1.21
N ARG A 189 28.19 -13.37 -1.15
CA ARG A 189 27.96 -14.81 -0.95
C ARG A 189 28.01 -15.58 -2.28
N LEU A 190 27.41 -15.00 -3.31
CA LEU A 190 27.19 -15.74 -4.56
C LEU A 190 28.20 -15.42 -5.66
N GLY A 191 28.96 -14.34 -5.48
CA GLY A 191 29.78 -13.80 -6.56
C GLY A 191 30.89 -14.72 -7.04
N ASP A 192 31.29 -15.66 -6.21
CA ASP A 192 32.35 -16.59 -6.63
C ASP A 192 31.88 -17.59 -7.70
N ARG A 193 30.57 -17.67 -7.92
CA ARG A 193 30.05 -18.66 -8.87
C ARG A 193 29.07 -18.15 -9.93
N LEU A 194 28.42 -17.01 -9.69
CA LEU A 194 27.47 -16.50 -10.66
C LEU A 194 28.14 -16.20 -11.99
N ASP A 195 27.49 -16.56 -13.10
CA ASP A 195 28.05 -16.24 -14.40
C ASP A 195 27.74 -14.80 -14.83
N ALA A 196 26.64 -14.26 -14.33
CA ALA A 196 26.30 -12.86 -14.60
C ALA A 196 25.30 -12.36 -13.58
N VAL A 197 25.21 -11.04 -13.44
CA VAL A 197 24.19 -10.49 -12.56
C VAL A 197 23.57 -9.28 -13.21
N ALA A 198 22.26 -9.11 -13.03
CA ALA A 198 21.55 -7.89 -13.43
C ALA A 198 21.01 -7.27 -12.16
N THR A 199 21.08 -5.95 -12.07
CA THR A 199 20.61 -5.26 -10.87
C THR A 199 19.09 -5.31 -10.84
N PHE A 200 18.47 -4.71 -11.86
CA PHE A 200 17.00 -4.64 -11.93
C PHE A 200 16.44 -5.29 -13.18
N ASN A 201 15.21 -5.81 -13.07
CA ASN A 201 14.42 -6.24 -14.21
C ASN A 201 13.30 -5.25 -14.45
N SER A 202 13.28 -4.63 -15.63
CA SER A 202 12.19 -3.75 -16.06
C SER A 202 11.88 -2.56 -15.15
N PRO A 203 12.78 -1.57 -15.08
CA PRO A 203 12.51 -0.30 -14.38
C PRO A 203 11.16 0.27 -14.79
N TRP A 204 10.82 0.25 -16.07
CA TRP A 204 9.53 0.76 -16.54
C TRP A 204 8.35 0.25 -15.71
N CYS A 205 8.31 -1.05 -15.44
CA CYS A 205 7.21 -1.62 -14.64
C CYS A 205 7.27 -1.19 -13.17
N ALA A 206 8.45 -1.30 -12.56
CA ALA A 206 8.61 -0.94 -11.15
C ALA A 206 8.37 0.56 -10.93
N VAL A 207 8.58 1.36 -11.98
CA VAL A 207 8.40 2.81 -11.91
C VAL A 207 7.00 3.26 -12.37
N TRP A 208 6.79 3.41 -13.67
CA TRP A 208 5.52 3.97 -14.17
C TRP A 208 4.31 3.07 -13.92
N LEU A 209 4.45 1.76 -14.18
CA LEU A 209 3.29 0.87 -14.08
C LEU A 209 2.89 0.73 -12.60
N SER A 210 3.86 0.90 -11.70
CA SER A 210 3.60 0.73 -10.27
C SER A 210 3.27 2.02 -9.52
N HIS A 211 3.71 3.16 -10.03
CA HIS A 211 3.58 4.42 -9.27
C HIS A 211 2.79 5.49 -10.03
N LEU A 212 2.62 5.33 -11.33
CA LEU A 212 1.84 6.27 -12.12
C LEU A 212 0.54 5.65 -12.61
N TYR A 213 0.61 4.41 -13.09
CA TYR A 213 -0.57 3.77 -13.69
C TYR A 213 -1.38 2.93 -12.71
N GLY A 214 -0.76 2.60 -11.58
CA GLY A 214 -1.42 1.90 -10.49
C GLY A 214 -1.75 0.45 -10.75
N ILE A 215 -1.16 -0.14 -11.80
CA ILE A 215 -1.44 -1.52 -12.19
C ILE A 215 -0.58 -2.56 -11.42
N HIS A 216 0.64 -2.17 -11.06
CA HIS A 216 1.53 -3.04 -10.29
C HIS A 216 1.80 -2.46 -8.91
N ALA A 217 2.26 -3.31 -7.98
CA ALA A 217 2.52 -2.88 -6.61
C ALA A 217 3.61 -1.80 -6.59
N PRO A 218 3.42 -0.75 -5.77
CA PRO A 218 2.38 -0.64 -4.74
C PRO A 218 1.08 0.03 -5.17
N GLY A 219 0.87 0.23 -6.46
CA GLY A 219 -0.45 0.63 -6.95
C GLY A 219 -0.73 2.11 -6.85
N GLU A 220 0.33 2.92 -6.86
CA GLU A 220 0.13 4.37 -6.80
C GLU A 220 -0.17 4.96 -8.18
N ARG A 221 -0.81 6.12 -8.15
CA ARG A 221 -1.13 6.88 -9.36
C ARG A 221 -0.76 8.34 -9.12
N ASN A 222 0.54 8.61 -9.05
CA ASN A 222 1.01 9.95 -8.69
C ASN A 222 2.33 10.30 -9.35
N MET A 223 2.36 11.38 -10.11
CA MET A 223 3.55 11.74 -10.91
C MET A 223 4.76 12.06 -10.03
N GLU A 224 4.54 12.76 -8.92
CA GLU A 224 5.62 13.05 -7.96
C GLU A 224 6.21 11.75 -7.40
N ALA A 225 5.33 10.84 -6.99
CA ALA A 225 5.80 9.56 -6.49
C ALA A 225 6.54 8.79 -7.57
N ALA A 226 5.99 8.81 -8.78
CA ALA A 226 6.60 8.07 -9.90
C ALA A 226 7.99 8.60 -10.28
N LEU A 227 8.12 9.92 -10.35
CA LEU A 227 9.41 10.53 -10.69
C LEU A 227 10.46 10.27 -9.63
N ALA A 228 10.02 10.18 -8.37
CA ALA A 228 10.91 9.83 -7.26
C ALA A 228 11.35 8.39 -7.43
N ALA A 229 10.39 7.50 -7.71
CA ALA A 229 10.72 6.10 -7.96
C ALA A 229 11.69 5.96 -9.13
N MET A 230 11.41 6.68 -10.21
CA MET A 230 12.31 6.69 -11.37
C MET A 230 13.75 6.97 -11.00
N HIS A 231 13.99 8.13 -10.37
CA HIS A 231 15.36 8.50 -10.02
C HIS A 231 16.01 7.56 -9.02
N HIS A 232 15.25 7.14 -8.01
CA HIS A 232 15.85 6.30 -6.97
C HIS A 232 16.10 4.87 -7.45
N ILE A 233 15.30 4.39 -8.38
CA ILE A 233 15.62 3.07 -8.98
C ILE A 233 16.83 3.18 -9.92
N ASN A 234 16.91 4.25 -10.70
CA ASN A 234 18.12 4.52 -11.48
C ASN A 234 19.34 4.60 -10.57
N LEU A 235 19.19 5.34 -9.47
CA LEU A 235 20.28 5.46 -8.48
C LEU A 235 20.62 4.12 -7.85
N ALA A 236 19.59 3.35 -7.49
CA ALA A 236 19.79 2.01 -6.91
C ALA A 236 20.58 1.09 -7.83
N HIS A 237 20.28 1.17 -9.12
CA HIS A 237 21.01 0.39 -10.12
C HIS A 237 22.49 0.71 -10.05
N GLY A 238 22.82 2.00 -10.10
CA GLY A 238 24.20 2.44 -10.02
C GLY A 238 24.89 2.00 -8.74
N PHE A 239 24.18 2.13 -7.62
CA PHE A 239 24.69 1.63 -6.35
C PHE A 239 24.97 0.13 -6.46
N GLY A 240 24.05 -0.61 -7.09
CA GLY A 240 24.21 -2.04 -7.21
C GLY A 240 25.39 -2.42 -8.09
N VAL A 241 25.61 -1.66 -9.15
CA VAL A 241 26.77 -1.91 -10.01
C VAL A 241 28.06 -1.77 -9.20
N GLU A 242 28.20 -0.66 -8.48
CA GLU A 242 29.40 -0.46 -7.65
C GLU A 242 29.55 -1.54 -6.59
N ALA A 243 28.43 -1.89 -5.98
CA ALA A 243 28.45 -2.88 -4.89
C ALA A 243 28.93 -4.23 -5.38
N SER A 244 28.37 -4.68 -6.50
CA SER A 244 28.72 -5.97 -7.08
C SER A 244 30.19 -6.03 -7.48
N ARG A 245 30.69 -4.97 -8.07
CA ARG A 245 32.11 -4.97 -8.48
C ARG A 245 33.05 -4.81 -7.29
N HIS A 246 32.54 -4.23 -6.21
CA HIS A 246 33.34 -4.09 -5.00
C HIS A 246 33.63 -5.44 -4.35
N VAL A 247 32.65 -6.34 -4.34
CA VAL A 247 32.84 -7.66 -3.72
C VAL A 247 32.99 -8.81 -4.70
N ALA A 248 32.61 -8.58 -5.96
CA ALA A 248 32.70 -9.62 -6.98
C ALA A 248 33.05 -9.03 -8.36
N PRO A 249 34.27 -8.50 -8.48
CA PRO A 249 34.67 -7.73 -9.66
C PRO A 249 34.71 -8.58 -10.94
N LYS A 250 34.85 -9.90 -10.80
CA LYS A 250 34.89 -10.79 -11.96
C LYS A 250 33.53 -10.95 -12.67
N VAL A 251 32.44 -10.70 -11.95
CA VAL A 251 31.11 -10.98 -12.52
C VAL A 251 30.62 -9.87 -13.42
N PRO A 252 30.28 -10.19 -14.67
CA PRO A 252 29.71 -9.22 -15.62
C PRO A 252 28.40 -8.68 -15.09
N VAL A 253 28.28 -7.36 -15.05
CA VAL A 253 27.09 -6.73 -14.47
C VAL A 253 26.29 -6.09 -15.59
N GLY A 254 24.97 -6.26 -15.53
CA GLY A 254 24.10 -5.58 -16.47
C GLY A 254 22.81 -5.07 -15.87
N LEU A 255 21.90 -4.69 -16.75
CA LEU A 255 20.60 -4.17 -16.36
C LEU A 255 19.62 -4.71 -17.39
N VAL A 256 18.43 -5.12 -16.93
CA VAL A 256 17.41 -5.68 -17.82
C VAL A 256 16.28 -4.66 -18.00
N LEU A 257 16.04 -4.28 -19.26
CA LEU A 257 15.04 -3.25 -19.56
C LEU A 257 14.02 -3.73 -20.58
N ASN A 258 12.74 -3.52 -20.30
CA ASN A 258 11.73 -3.66 -21.34
C ASN A 258 11.65 -2.36 -22.14
N ALA A 259 12.58 -2.20 -23.05
CA ALA A 259 12.54 -1.03 -23.93
C ALA A 259 11.36 -1.21 -24.86
N HIS A 260 10.57 -0.16 -25.03
CA HIS A 260 9.39 -0.25 -25.89
C HIS A 260 9.70 0.12 -27.33
N SER A 261 9.28 -0.71 -28.27
CA SER A 261 9.40 -0.39 -29.67
C SER A 261 8.27 0.57 -29.99
N VAL A 262 8.55 1.86 -29.98
CA VAL A 262 7.54 2.88 -30.21
C VAL A 262 7.32 3.03 -31.72
N ILE A 263 6.07 2.89 -32.14
CA ILE A 263 5.75 3.03 -33.57
C ILE A 263 4.70 4.11 -33.76
N PRO A 264 5.04 5.17 -34.51
CA PRO A 264 4.10 6.25 -34.80
C PRO A 264 2.97 5.78 -35.73
N ALA A 265 1.77 6.32 -35.56
CA ALA A 265 0.62 5.97 -36.40
C ALA A 265 0.75 6.50 -37.81
N SER A 266 1.61 7.50 -37.99
CA SER A 266 1.84 8.10 -39.29
C SER A 266 3.15 8.86 -39.29
N ASN A 267 3.55 9.38 -40.45
CA ASN A 267 4.75 10.19 -40.53
C ASN A 267 4.45 11.67 -40.42
N SER A 268 3.26 12.00 -39.91
CA SER A 268 2.90 13.39 -39.66
C SER A 268 3.87 13.96 -38.64
N ASP A 269 4.09 15.27 -38.70
CA ASP A 269 5.00 15.92 -37.79
C ASP A 269 4.51 15.73 -36.35
N ALA A 270 3.20 15.81 -36.18
CA ALA A 270 2.59 15.65 -34.86
C ALA A 270 2.82 14.26 -34.29
N ASP A 271 2.74 13.23 -35.14
CA ASP A 271 2.91 11.86 -34.66
C ASP A 271 4.38 11.52 -34.46
N MET A 272 5.25 11.99 -35.35
CA MET A 272 6.69 11.78 -35.18
C MET A 272 7.18 12.39 -33.89
N LYS A 273 6.75 13.61 -33.59
CA LYS A 273 7.14 14.26 -32.35
C LYS A 273 6.54 13.56 -31.12
N ALA A 274 5.33 13.03 -31.28
CA ALA A 274 4.69 12.26 -30.21
C ALA A 274 5.48 10.99 -29.93
N ALA A 275 5.95 10.34 -30.99
CA ALA A 275 6.72 9.11 -30.85
C ALA A 275 8.04 9.36 -30.15
N GLU A 276 8.62 10.54 -30.37
CA GLU A 276 9.87 10.89 -29.71
C GLU A 276 9.63 11.17 -28.24
N ARG A 277 8.54 11.89 -27.93
CA ARG A 277 8.19 12.15 -26.54
C ARG A 277 7.96 10.84 -25.81
N ALA A 278 7.21 9.94 -26.44
CA ALA A 278 6.94 8.62 -25.91
C ALA A 278 8.24 7.86 -25.64
N PHE A 279 9.17 7.92 -26.59
CA PHE A 279 10.45 7.22 -26.42
C PHE A 279 11.20 7.77 -25.21
N GLN A 280 11.21 9.10 -25.06
CA GLN A 280 11.90 9.73 -23.94
C GLN A 280 11.28 9.32 -22.60
N PHE A 281 9.95 9.33 -22.54
CA PHE A 281 9.26 9.01 -21.29
C PHE A 281 9.38 7.54 -20.94
N HIS A 282 9.16 6.67 -21.91
CA HIS A 282 9.09 5.23 -21.64
C HIS A 282 10.44 4.50 -21.66
N ASN A 283 11.37 5.00 -22.47
CA ASN A 283 12.69 4.39 -22.58
C ASN A 283 13.78 5.32 -22.05
N GLY A 284 13.75 6.57 -22.50
CA GLY A 284 14.81 7.53 -22.16
C GLY A 284 14.96 7.83 -20.69
N ALA A 285 13.87 7.70 -19.94
CA ALA A 285 13.91 7.92 -18.50
C ALA A 285 14.94 7.01 -17.84
N PHE A 286 15.25 5.91 -18.53
CA PHE A 286 16.17 4.90 -18.01
C PHE A 286 17.44 4.79 -18.84
N PHE A 287 17.31 4.73 -20.16
CA PHE A 287 18.47 4.61 -21.04
C PHE A 287 19.39 5.83 -21.04
N ASP A 288 18.80 7.03 -21.00
CA ASP A 288 19.63 8.24 -20.99
C ASP A 288 20.47 8.39 -19.72
N PRO A 289 19.86 8.24 -18.52
CA PRO A 289 20.74 8.30 -17.35
C PRO A 289 21.81 7.20 -17.32
N VAL A 290 21.43 5.96 -17.62
CA VAL A 290 22.37 4.84 -17.55
C VAL A 290 23.46 4.91 -18.64
N PHE A 291 23.10 5.26 -19.86
CA PHE A 291 24.06 5.18 -20.97
C PHE A 291 24.57 6.53 -21.48
N LYS A 292 23.96 7.63 -21.03
CA LYS A 292 24.43 8.97 -21.37
C LYS A 292 24.73 9.86 -20.15
N GLY A 293 24.27 9.46 -18.98
CA GLY A 293 24.56 10.22 -17.76
C GLY A 293 23.77 11.49 -17.67
N GLU A 294 22.56 11.47 -18.23
CA GLU A 294 21.68 12.63 -18.19
C GLU A 294 20.25 12.17 -18.40
N TYR A 295 19.28 13.00 -18.01
CA TYR A 295 17.86 12.73 -18.30
C TYR A 295 17.48 13.40 -19.62
N PRO A 296 16.42 12.88 -20.31
CA PRO A 296 16.01 13.45 -21.60
C PRO A 296 15.57 14.90 -21.44
N ALA A 297 15.98 15.77 -22.36
CA ALA A 297 15.79 17.22 -22.18
C ALA A 297 14.34 17.66 -22.16
N GLU A 298 13.56 17.16 -23.12
CA GLU A 298 12.17 17.59 -23.25
C GLU A 298 11.37 17.04 -22.09
N MET A 299 11.74 15.86 -21.63
CA MET A 299 11.09 15.28 -20.46
C MET A 299 11.32 16.15 -19.23
N ILE A 300 12.57 16.55 -19.02
CA ILE A 300 12.95 17.43 -17.91
C ILE A 300 12.19 18.77 -17.95
N GLU A 301 12.05 19.33 -19.14
CA GLU A 301 11.31 20.57 -19.31
C GLU A 301 9.86 20.44 -18.85
N ALA A 302 9.27 19.28 -19.11
CA ALA A 302 7.88 19.05 -18.75
C ALA A 302 7.74 18.55 -17.30
N LEU A 303 8.68 17.73 -16.84
CA LEU A 303 8.51 17.06 -15.57
C LEU A 303 9.54 17.43 -14.51
N GLY A 304 10.56 18.20 -14.90
CA GLY A 304 11.70 18.45 -14.02
C GLY A 304 11.36 19.02 -12.65
N SER A 305 10.36 19.91 -12.61
CA SER A 305 10.02 20.61 -11.36
C SER A 305 9.46 19.66 -10.31
N ARG A 306 8.94 18.51 -10.74
CA ARG A 306 8.33 17.56 -9.81
C ARG A 306 9.25 16.39 -9.50
N MET A 307 10.49 16.47 -9.96
CA MET A 307 11.44 15.41 -9.69
C MET A 307 12.01 15.56 -8.30
N PRO A 308 12.55 14.48 -7.73
CA PRO A 308 13.23 14.60 -6.44
C PRO A 308 14.58 15.28 -6.65
N VAL A 309 15.28 15.58 -5.56
CA VAL A 309 16.60 16.17 -5.65
C VAL A 309 17.58 15.20 -6.34
N VAL A 310 18.30 15.71 -7.34
CA VAL A 310 19.39 14.95 -7.96
C VAL A 310 20.69 15.51 -7.40
N GLU A 311 21.38 14.70 -6.61
CA GLU A 311 22.64 15.12 -5.97
C GLU A 311 23.81 15.09 -6.95
N ALA A 312 24.91 15.73 -6.54
CA ALA A 312 26.05 15.99 -7.41
C ALA A 312 26.59 14.76 -8.15
N GLU A 313 26.72 13.64 -7.44
CA GLU A 313 27.36 12.46 -8.00
C GLU A 313 26.36 11.48 -8.59
N ASP A 314 25.07 11.78 -8.49
CA ASP A 314 24.01 10.83 -8.83
C ASP A 314 24.12 10.29 -10.27
N LEU A 315 24.21 11.18 -11.24
CA LEU A 315 24.22 10.75 -12.64
C LEU A 315 25.51 10.02 -13.01
N SER A 316 26.58 10.35 -12.30
CA SER A 316 27.86 9.67 -12.50
C SER A 316 27.80 8.24 -12.01
N ILE A 317 27.09 8.05 -10.89
CA ILE A 317 26.89 6.72 -10.33
C ILE A 317 25.97 5.90 -11.24
N ILE A 318 24.89 6.52 -11.68
CA ILE A 318 23.91 5.84 -12.52
C ILE A 318 24.54 5.34 -13.83
N SER A 319 25.52 6.07 -14.34
CA SER A 319 26.02 5.84 -15.69
C SER A 319 27.34 5.06 -15.76
N GLN A 320 27.62 4.26 -14.74
CA GLN A 320 28.77 3.36 -14.82
C GLN A 320 28.66 2.39 -16.00
N LYS A 321 29.80 2.03 -16.58
CA LYS A 321 29.81 1.17 -17.76
C LYS A 321 29.35 -0.22 -17.37
N LEU A 322 28.48 -0.80 -18.20
CA LEU A 322 27.94 -2.14 -17.95
C LEU A 322 28.61 -3.14 -18.86
N ASP A 323 28.64 -4.40 -18.45
CA ASP A 323 29.25 -5.47 -19.24
C ASP A 323 28.28 -6.06 -20.27
N TRP A 324 26.99 -5.94 -19.97
CA TRP A 324 25.93 -6.39 -20.88
C TRP A 324 24.62 -5.71 -20.51
N TRP A 325 23.62 -5.77 -21.38
CA TRP A 325 22.30 -5.34 -20.96
C TRP A 325 21.28 -6.35 -21.49
N GLY A 326 20.11 -6.40 -20.88
CA GLY A 326 19.12 -7.39 -21.27
C GLY A 326 17.88 -6.73 -21.84
N LEU A 327 17.42 -7.23 -22.98
CA LEU A 327 16.17 -6.69 -23.55
C LEU A 327 15.01 -7.66 -23.31
N ASN A 328 13.94 -7.14 -22.70
CA ASN A 328 12.67 -7.84 -22.60
C ASN A 328 11.78 -7.29 -23.70
N TYR A 329 11.34 -8.14 -24.63
CA TYR A 329 10.46 -7.71 -25.71
C TYR A 329 9.27 -8.66 -25.91
N TYR A 330 8.10 -8.10 -26.16
CA TYR A 330 6.90 -8.91 -26.37
C TYR A 330 6.05 -8.38 -27.51
N THR A 331 5.89 -7.06 -27.55
CA THR A 331 4.88 -6.43 -28.40
C THR A 331 5.23 -4.94 -28.58
N PRO A 332 4.83 -4.35 -29.72
CA PRO A 332 5.16 -2.94 -29.93
C PRO A 332 4.30 -1.99 -29.11
N MET A 333 4.77 -0.76 -28.93
CA MET A 333 3.97 0.28 -28.33
C MET A 333 3.57 1.27 -29.43
N ARG A 334 2.34 1.14 -29.92
CA ARG A 334 1.89 1.99 -31.02
C ARG A 334 1.28 3.29 -30.48
N VAL A 335 1.78 4.43 -30.96
CA VAL A 335 1.32 5.72 -30.44
C VAL A 335 0.91 6.72 -31.53
N ALA A 336 0.01 7.63 -31.16
CA ALA A 336 -0.28 8.82 -31.96
C ALA A 336 -0.30 10.03 -31.02
N ASP A 337 -0.30 11.22 -31.58
CA ASP A 337 -0.37 12.45 -30.78
C ASP A 337 -1.73 12.60 -30.08
N ASP A 338 -1.69 12.97 -28.80
CA ASP A 338 -2.89 13.32 -28.04
C ASP A 338 -2.95 14.84 -27.90
N ALA A 339 -3.85 15.47 -28.65
CA ALA A 339 -3.92 16.92 -28.71
C ALA A 339 -4.79 17.55 -27.61
N THR A 340 -5.44 16.71 -26.80
CA THR A 340 -6.22 17.18 -25.64
C THR A 340 -5.47 18.24 -24.86
N GLU A 341 -6.12 19.36 -24.57
CA GLU A 341 -5.48 20.44 -23.83
C GLU A 341 -4.96 19.95 -22.47
N GLY A 342 -3.71 20.30 -22.16
CA GLY A 342 -3.15 20.00 -20.86
C GLY A 342 -2.66 18.57 -20.63
N ALA A 343 -2.76 17.71 -21.63
CA ALA A 343 -2.32 16.32 -21.52
C ALA A 343 -0.89 16.22 -20.98
N GLU A 344 -0.68 15.35 -19.99
CA GLU A 344 0.64 15.21 -19.38
C GLU A 344 1.62 14.58 -20.36
N PHE A 345 2.86 15.06 -20.34
CA PHE A 345 3.95 14.50 -21.12
C PHE A 345 3.98 12.99 -20.87
N PRO A 346 4.13 12.18 -21.93
CA PRO A 346 4.48 12.53 -23.32
C PRO A 346 3.28 12.85 -24.21
N ALA A 347 2.08 12.96 -23.64
CA ALA A 347 0.90 13.35 -24.40
C ALA A 347 0.70 12.51 -25.66
N THR A 348 0.53 11.20 -25.48
CA THR A 348 0.27 10.29 -26.59
C THR A 348 -1.03 9.51 -26.38
N LYS A 349 -1.51 8.90 -27.46
CA LYS A 349 -2.65 7.98 -27.38
C LYS A 349 -2.36 6.73 -28.23
N GLN A 350 -3.15 5.69 -28.03
CA GLN A 350 -2.94 4.39 -28.70
C GLN A 350 -3.30 4.39 -30.19
N ALA A 351 -2.42 3.80 -31.02
CA ALA A 351 -2.64 3.65 -32.46
C ALA A 351 -2.98 2.19 -32.79
N PRO A 352 -3.63 1.93 -33.95
CA PRO A 352 -4.11 0.56 -34.18
C PRO A 352 -3.05 -0.46 -34.62
N ALA A 353 -3.27 -1.73 -34.27
CA ALA A 353 -2.39 -2.81 -34.70
C ALA A 353 -2.35 -2.96 -36.22
N VAL A 354 -1.31 -3.58 -36.75
CA VAL A 354 -1.17 -3.86 -38.17
C VAL A 354 -1.65 -5.29 -38.44
N SER A 355 -1.62 -6.10 -37.38
CA SER A 355 -2.08 -7.48 -37.43
C SER A 355 -3.25 -7.65 -36.49
N ASP A 356 -4.13 -8.59 -36.79
CA ASP A 356 -5.16 -8.97 -35.82
C ASP A 356 -4.67 -10.18 -35.00
N VAL A 357 -3.45 -10.62 -35.27
CA VAL A 357 -2.82 -11.68 -34.47
C VAL A 357 -2.47 -11.17 -33.07
N LYS A 358 -3.04 -11.82 -32.05
CA LYS A 358 -2.84 -11.46 -30.66
C LYS A 358 -2.67 -12.71 -29.80
N THR A 359 -1.98 -12.58 -28.67
CA THR A 359 -1.84 -13.70 -27.74
C THR A 359 -3.07 -13.74 -26.84
N ASP A 360 -3.13 -14.73 -25.94
CA ASP A 360 -4.32 -14.87 -25.09
C ASP A 360 -4.46 -13.76 -24.03
N ILE A 361 -3.39 -13.01 -23.82
CA ILE A 361 -3.44 -11.88 -22.89
C ILE A 361 -3.80 -10.59 -23.65
N GLY A 362 -3.92 -10.69 -24.97
CA GLY A 362 -4.38 -9.59 -25.79
C GLY A 362 -3.30 -8.79 -26.52
N TRP A 363 -2.04 -9.23 -26.42
CA TRP A 363 -0.93 -8.47 -26.98
C TRP A 363 -0.65 -8.76 -28.45
N GLU A 364 -0.63 -7.73 -29.28
CA GLU A 364 -0.34 -7.86 -30.72
C GLU A 364 0.96 -8.64 -30.95
N VAL A 365 0.92 -9.62 -31.84
CA VAL A 365 2.14 -10.26 -32.29
C VAL A 365 2.66 -9.54 -33.51
N TYR A 366 3.81 -8.89 -33.36
CA TYR A 366 4.40 -8.18 -34.48
C TYR A 366 5.91 -8.22 -34.35
N ALA A 367 6.49 -9.32 -34.79
CA ALA A 367 7.92 -9.57 -34.63
C ALA A 367 8.87 -8.53 -35.25
N PRO A 368 8.49 -7.91 -36.39
CA PRO A 368 9.49 -6.97 -36.92
C PRO A 368 9.77 -5.77 -35.99
N ALA A 369 8.86 -5.47 -35.07
CA ALA A 369 9.10 -4.39 -34.09
C ALA A 369 10.33 -4.65 -33.21
N LEU A 370 10.70 -5.91 -33.05
CA LEU A 370 11.95 -6.25 -32.33
C LEU A 370 13.16 -5.76 -33.12
N HIS A 371 13.13 -5.93 -34.45
CA HIS A 371 14.24 -5.49 -35.28
C HIS A 371 14.42 -3.97 -35.22
N SER A 372 13.35 -3.22 -35.47
CA SER A 372 13.48 -1.77 -35.48
C SER A 372 13.84 -1.20 -34.11
N LEU A 373 13.38 -1.85 -33.03
CA LEU A 373 13.75 -1.43 -31.68
C LEU A 373 15.25 -1.55 -31.46
N VAL A 374 15.81 -2.69 -31.83
CA VAL A 374 17.23 -2.91 -31.62
C VAL A 374 18.07 -1.98 -32.51
N GLU A 375 17.66 -1.82 -33.76
CA GLU A 375 18.25 -0.84 -34.68
C GLU A 375 18.33 0.52 -34.01
N THR A 376 17.18 0.96 -33.52
CA THR A 376 17.02 2.29 -32.93
C THR A 376 17.92 2.49 -31.74
N LEU A 377 17.90 1.51 -30.82
CA LEU A 377 18.67 1.60 -29.58
C LEU A 377 20.17 1.69 -29.83
N TYR A 378 20.68 0.88 -30.76
CA TYR A 378 22.12 0.87 -31.00
C TYR A 378 22.60 2.11 -31.76
N GLU A 379 21.69 2.80 -32.45
CA GLU A 379 22.05 4.05 -33.10
C GLU A 379 22.04 5.22 -32.11
N ARG A 380 21.09 5.18 -31.18
CA ARG A 380 20.91 6.28 -30.24
C ARG A 380 21.84 6.21 -29.03
N TYR A 381 22.21 5.01 -28.63
CA TYR A 381 23.03 4.83 -27.42
C TYR A 381 24.26 4.00 -27.67
N GLU A 382 25.30 4.22 -26.88
CA GLU A 382 26.47 3.34 -26.87
C GLU A 382 26.23 2.23 -25.85
N LEU A 383 25.89 1.05 -26.36
CA LEU A 383 25.46 -0.07 -25.53
C LEU A 383 26.46 -1.21 -25.53
N PRO A 384 26.52 -1.97 -24.42
CA PRO A 384 27.37 -3.18 -24.41
C PRO A 384 26.66 -4.32 -25.12
N ASP A 385 27.20 -5.52 -25.04
CA ASP A 385 26.55 -6.71 -25.58
C ASP A 385 25.09 -6.84 -25.13
N CYS A 386 24.25 -7.38 -26.01
CA CYS A 386 22.83 -7.54 -25.69
C CYS A 386 22.41 -9.01 -25.55
N TYR A 387 21.63 -9.29 -24.50
CA TYR A 387 20.96 -10.59 -24.36
C TYR A 387 19.47 -10.34 -24.34
N ILE A 388 18.72 -11.03 -25.20
CA ILE A 388 17.27 -11.03 -25.09
C ILE A 388 16.97 -11.81 -23.79
N THR A 389 16.51 -11.09 -22.75
CA THR A 389 16.37 -11.71 -21.44
C THR A 389 14.93 -12.16 -21.16
N GLU A 390 13.99 -11.64 -21.95
CA GLU A 390 12.62 -12.15 -21.93
C GLU A 390 11.98 -12.01 -23.31
N ASN A 391 11.43 -13.10 -23.81
CA ASN A 391 10.61 -13.10 -25.00
C ASN A 391 9.77 -14.37 -24.93
N GLY A 392 8.48 -14.25 -25.17
CA GLY A 392 7.59 -15.39 -25.05
C GLY A 392 6.16 -14.96 -25.27
N ALA A 393 5.23 -15.87 -25.09
CA ALA A 393 3.83 -15.58 -25.43
C ALA A 393 2.84 -16.21 -24.44
N CYS A 394 1.75 -15.52 -24.21
CA CYS A 394 0.67 -16.08 -23.42
C CYS A 394 -0.29 -16.89 -24.30
N TYR A 395 -0.30 -18.21 -24.08
CA TYR A 395 -1.31 -19.09 -24.69
C TYR A 395 -1.74 -20.11 -23.64
N ASN A 396 -3.04 -20.22 -23.41
CA ASN A 396 -3.56 -20.86 -22.21
C ASN A 396 -3.99 -22.32 -22.36
N MET A 397 -3.61 -22.97 -23.46
CA MET A 397 -4.02 -24.37 -23.63
C MET A 397 -3.33 -25.29 -22.62
N GLY A 398 -4.03 -26.35 -22.22
CA GLY A 398 -3.52 -27.25 -21.19
C GLY A 398 -3.17 -28.62 -21.74
N VAL A 399 -3.16 -29.62 -20.87
CA VAL A 399 -2.72 -30.97 -21.24
C VAL A 399 -3.84 -31.80 -21.89
N GLU A 400 -3.54 -32.41 -23.04
CA GLU A 400 -4.44 -33.39 -23.65
C GLU A 400 -3.62 -34.59 -24.10
N ASN A 401 -4.03 -35.80 -23.70
CA ASN A 401 -3.29 -37.02 -24.06
C ASN A 401 -1.81 -36.96 -23.72
N GLY A 402 -1.48 -36.34 -22.59
CA GLY A 402 -0.10 -36.27 -22.13
C GLY A 402 0.73 -35.17 -22.75
N GLU A 403 0.15 -34.38 -23.65
CA GLU A 403 0.90 -33.31 -24.31
C GLU A 403 0.22 -31.96 -24.23
N VAL A 404 0.98 -30.91 -24.52
CA VAL A 404 0.38 -29.58 -24.68
C VAL A 404 0.63 -29.08 -26.09
N ASP A 405 -0.39 -29.11 -26.95
CA ASP A 405 -0.24 -28.59 -28.30
C ASP A 405 -0.34 -27.07 -28.31
N ASP A 406 0.78 -26.40 -28.03
CA ASP A 406 0.79 -24.93 -28.07
C ASP A 406 1.51 -24.42 -29.31
N GLN A 407 1.05 -24.88 -30.48
CA GLN A 407 1.66 -24.45 -31.74
C GLN A 407 1.79 -22.91 -31.88
N PRO A 408 0.76 -22.14 -31.46
CA PRO A 408 0.95 -20.69 -31.63
C PRO A 408 2.12 -20.13 -30.81
N ARG A 409 2.46 -20.76 -29.69
CA ARG A 409 3.62 -20.32 -28.92
C ARG A 409 4.89 -20.73 -29.64
N LEU A 410 4.88 -21.92 -30.22
CA LEU A 410 6.01 -22.37 -31.02
C LEU A 410 6.24 -21.40 -32.18
N ASP A 411 5.16 -20.97 -32.83
CA ASP A 411 5.26 -20.08 -33.97
C ASP A 411 5.81 -18.73 -33.54
N TYR A 412 5.36 -18.26 -32.38
CA TYR A 412 5.83 -17.00 -31.83
C TYR A 412 7.34 -17.06 -31.68
N TYR A 413 7.83 -18.12 -31.04
CA TYR A 413 9.27 -18.28 -30.87
C TYR A 413 10.03 -18.38 -32.18
N ALA A 414 9.53 -19.21 -33.09
CA ALA A 414 10.22 -19.42 -34.36
C ALA A 414 10.37 -18.09 -35.08
N GLU A 415 9.32 -17.28 -35.07
CA GLU A 415 9.34 -16.00 -35.77
C GLU A 415 10.27 -14.98 -35.10
N HIS A 416 10.16 -14.84 -33.78
CA HIS A 416 11.00 -13.88 -33.06
C HIS A 416 12.46 -14.29 -33.04
N LEU A 417 12.72 -15.57 -32.88
CA LEU A 417 14.09 -16.06 -32.99
C LEU A 417 14.67 -15.84 -34.39
N GLY A 418 13.80 -15.85 -35.40
CA GLY A 418 14.22 -15.49 -36.76
C GLY A 418 14.69 -14.05 -36.83
N ILE A 419 14.00 -13.16 -36.12
CA ILE A 419 14.41 -11.76 -36.05
C ILE A 419 15.73 -11.63 -35.31
N VAL A 420 15.89 -12.40 -34.24
CA VAL A 420 17.13 -12.33 -33.47
C VAL A 420 18.29 -12.76 -34.36
N ALA A 421 18.10 -13.80 -35.16
CA ALA A 421 19.13 -14.25 -36.10
C ALA A 421 19.40 -13.18 -37.18
N ASP A 422 18.35 -12.48 -37.59
CA ASP A 422 18.49 -11.36 -38.52
C ASP A 422 19.38 -10.27 -37.93
N LEU A 423 19.12 -9.91 -36.67
CA LEU A 423 19.95 -8.95 -35.95
C LEU A 423 21.43 -9.38 -35.86
N VAL A 424 21.70 -10.65 -35.60
CA VAL A 424 23.07 -11.16 -35.57
C VAL A 424 23.72 -10.95 -36.94
N LYS A 425 22.97 -11.27 -37.99
CA LYS A 425 23.45 -11.11 -39.36
C LYS A 425 23.67 -9.64 -39.68
N ASP A 426 22.79 -8.77 -39.15
CA ASP A 426 22.88 -7.34 -39.42
C ASP A 426 23.98 -6.66 -38.58
N GLY A 427 24.71 -7.46 -37.81
CA GLY A 427 25.90 -6.96 -37.15
C GLY A 427 25.74 -6.54 -35.69
N TYR A 428 24.52 -6.64 -35.15
CA TYR A 428 24.29 -6.22 -33.77
C TYR A 428 24.83 -7.25 -32.80
N PRO A 429 25.33 -6.81 -31.63
CA PRO A 429 26.00 -7.75 -30.71
C PRO A 429 25.03 -8.53 -29.85
N MET A 430 24.20 -9.36 -30.47
CA MET A 430 23.23 -10.19 -29.75
C MET A 430 23.92 -11.47 -29.35
N ARG A 431 24.14 -11.65 -28.05
CA ARG A 431 24.97 -12.76 -27.57
C ARG A 431 24.16 -13.93 -27.04
N GLY A 432 22.89 -13.71 -26.78
CA GLY A 432 22.07 -14.77 -26.21
C GLY A 432 20.60 -14.47 -26.17
N TYR A 433 19.83 -15.46 -25.73
CA TYR A 433 18.39 -15.39 -25.74
C TYR A 433 17.83 -16.30 -24.64
N PHE A 434 16.97 -15.72 -23.79
CA PHE A 434 16.30 -16.49 -22.75
C PHE A 434 14.80 -16.53 -23.04
N ALA A 435 14.25 -17.74 -23.19
CA ALA A 435 12.80 -17.90 -23.35
C ALA A 435 12.07 -17.58 -22.05
N TRP A 436 11.04 -16.74 -22.15
CA TRP A 436 10.23 -16.34 -21.05
C TRP A 436 8.94 -17.20 -21.11
N SER A 437 8.87 -17.69 -19.90
CA SER A 437 8.84 -18.70 -18.99
C SER A 437 9.23 -20.02 -19.06
N LEU A 438 10.20 -20.30 -18.16
CA LEU A 438 10.45 -21.73 -18.04
C LEU A 438 9.12 -22.47 -17.86
N MET A 439 8.30 -22.01 -16.93
CA MET A 439 7.02 -22.66 -16.71
C MET A 439 5.91 -21.66 -16.43
N ASP A 440 4.68 -22.14 -16.55
CA ASP A 440 3.51 -21.37 -16.19
C ASP A 440 3.67 -20.91 -14.74
N ASN A 441 3.25 -19.68 -14.44
CA ASN A 441 3.43 -19.19 -13.09
C ASN A 441 2.51 -18.01 -12.78
N PHE A 442 2.71 -17.39 -11.62
CA PHE A 442 1.94 -16.22 -11.23
C PHE A 442 2.24 -15.03 -12.13
N GLU A 443 1.22 -14.56 -12.85
CA GLU A 443 1.42 -13.46 -13.80
C GLU A 443 0.92 -12.10 -13.31
N TRP A 444 1.43 -11.68 -12.16
CA TRP A 444 1.20 -10.34 -11.62
C TRP A 444 -0.29 -10.06 -11.58
N ALA A 445 -0.75 -8.94 -12.15
CA ALA A 445 -2.16 -8.61 -12.03
C ALA A 445 -3.12 -9.62 -12.67
N GLU A 446 -2.59 -10.54 -13.48
CA GLU A 446 -3.44 -11.53 -14.15
C GLU A 446 -3.64 -12.80 -13.34
N GLY A 447 -2.95 -12.90 -12.21
CA GLY A 447 -2.95 -14.12 -11.42
C GLY A 447 -2.42 -15.32 -12.21
N TYR A 448 -2.94 -16.50 -11.92
CA TYR A 448 -2.47 -17.74 -12.54
C TYR A 448 -3.18 -18.08 -13.85
N ARG A 449 -4.11 -17.22 -14.24
CA ARG A 449 -4.92 -17.44 -15.44
C ARG A 449 -4.14 -17.35 -16.77
N MET A 450 -3.11 -16.52 -16.81
CA MET A 450 -2.34 -16.33 -18.05
C MET A 450 -1.06 -17.16 -18.01
N ARG A 451 -0.95 -18.13 -18.92
CA ARG A 451 0.19 -19.04 -18.96
C ARG A 451 1.23 -18.61 -20.00
N PHE A 452 2.49 -18.52 -19.57
CA PHE A 452 3.59 -18.05 -20.42
C PHE A 452 4.68 -19.09 -20.57
N GLY A 453 4.49 -20.26 -19.95
CA GLY A 453 5.59 -21.22 -19.84
C GLY A 453 5.83 -22.12 -21.03
N LEU A 454 7.07 -22.61 -21.15
CA LEU A 454 7.43 -23.67 -22.09
C LEU A 454 7.05 -25.03 -21.48
N VAL A 455 6.80 -25.00 -20.17
CA VAL A 455 6.47 -26.17 -19.37
C VAL A 455 5.13 -25.87 -18.69
N HIS A 456 4.16 -26.76 -18.88
CA HIS A 456 2.86 -26.60 -18.24
C HIS A 456 2.95 -27.02 -16.79
N VAL A 457 2.32 -26.25 -15.90
CA VAL A 457 2.17 -26.63 -14.50
C VAL A 457 0.70 -26.82 -14.19
N ASP A 458 0.34 -28.02 -13.75
CA ASP A 458 -0.99 -28.26 -13.22
C ASP A 458 -0.97 -27.83 -11.75
N TYR A 459 -1.68 -26.76 -11.43
CA TYR A 459 -1.58 -26.19 -10.09
C TYR A 459 -2.21 -27.04 -8.97
N GLU A 460 -3.02 -28.02 -9.33
CA GLU A 460 -3.58 -28.93 -8.32
C GLU A 460 -2.57 -29.99 -7.89
N THR A 461 -1.85 -30.53 -8.86
CA THR A 461 -0.91 -31.60 -8.60
C THR A 461 0.54 -31.14 -8.57
N GLN A 462 0.80 -29.93 -9.07
CA GLN A 462 2.17 -29.41 -9.28
C GLN A 462 2.99 -30.18 -10.32
N VAL A 463 2.31 -31.01 -11.11
CA VAL A 463 2.96 -31.77 -12.19
C VAL A 463 3.47 -30.85 -13.31
N ARG A 464 4.73 -31.01 -13.70
CA ARG A 464 5.29 -30.26 -14.82
C ARG A 464 5.17 -31.10 -16.09
N THR A 465 4.73 -30.47 -17.18
CA THR A 465 4.63 -31.16 -18.47
C THR A 465 5.27 -30.30 -19.56
N LEU A 466 6.39 -30.74 -20.13
CA LEU A 466 7.03 -30.00 -21.22
C LEU A 466 6.06 -29.85 -22.39
N LYS A 467 5.79 -28.61 -22.80
CA LYS A 467 4.85 -28.34 -23.88
C LYS A 467 5.53 -28.57 -25.23
N ASN A 468 4.77 -28.60 -26.32
CA ASN A 468 5.39 -28.82 -27.62
C ASN A 468 6.39 -27.72 -27.97
N SER A 469 6.06 -26.48 -27.61
CA SER A 469 6.98 -25.36 -27.80
C SER A 469 8.26 -25.57 -27.00
N GLY A 470 8.12 -26.15 -25.80
CA GLY A 470 9.29 -26.47 -24.99
C GLY A 470 10.18 -27.53 -25.60
N LYS A 471 9.56 -28.55 -26.18
CA LYS A 471 10.29 -29.58 -26.91
C LYS A 471 11.01 -29.02 -28.12
N TRP A 472 10.34 -28.10 -28.81
CA TRP A 472 10.95 -27.43 -29.95
C TRP A 472 12.16 -26.58 -29.51
N TYR A 473 11.98 -25.81 -28.43
CA TYR A 473 13.06 -24.94 -27.94
C TYR A 473 14.23 -25.77 -27.45
N SER A 474 13.93 -26.91 -26.82
CA SER A 474 15.00 -27.81 -26.39
C SER A 474 15.79 -28.36 -27.58
N ALA A 475 15.09 -28.74 -28.65
CA ALA A 475 15.76 -29.27 -29.85
C ALA A 475 16.69 -28.21 -30.46
N LEU A 476 16.24 -26.97 -30.53
CA LEU A 476 17.09 -25.87 -30.96
C LEU A 476 18.28 -25.68 -30.02
N ALA A 477 18.00 -25.54 -28.73
CA ALA A 477 19.04 -25.16 -27.77
C ALA A 477 20.04 -26.24 -27.49
N SER A 478 19.62 -27.50 -27.66
CA SER A 478 20.46 -28.64 -27.34
C SER A 478 21.76 -28.65 -28.13
N GLY A 479 21.74 -28.04 -29.32
CA GLY A 479 22.92 -28.05 -30.17
C GLY A 479 23.98 -27.03 -29.82
N PHE A 480 23.76 -26.27 -28.73
CA PHE A 480 24.66 -25.19 -28.36
C PHE A 480 25.20 -25.37 -26.94
N PRO A 481 26.46 -24.96 -26.70
CA PRO A 481 27.43 -24.41 -27.67
C PRO A 481 27.83 -25.43 -28.72
N LYS A 482 27.82 -25.05 -29.99
CA LYS A 482 28.18 -25.97 -31.08
C LYS A 482 29.63 -26.38 -30.94
N ASP B 34 -21.13 32.29 29.30
CA ASP B 34 -20.80 32.29 30.72
C ASP B 34 -20.67 30.86 31.23
N HIS B 35 -19.45 30.47 31.58
CA HIS B 35 -19.18 29.09 31.95
C HIS B 35 -19.92 28.65 33.21
N LYS B 36 -20.21 29.57 34.12
CA LYS B 36 -20.87 29.17 35.35
C LYS B 36 -22.37 28.86 35.18
N ALA B 37 -23.07 29.58 34.30
CA ALA B 37 -24.46 29.25 34.05
C ALA B 37 -24.54 27.94 33.29
N LEU B 38 -23.53 27.66 32.47
CA LEU B 38 -23.48 26.40 31.73
C LEU B 38 -23.27 25.22 32.66
N ALA B 39 -22.31 25.37 33.59
CA ALA B 39 -22.02 24.34 34.57
C ALA B 39 -23.28 23.95 35.35
N ALA B 40 -24.14 24.93 35.62
CA ALA B 40 -25.37 24.67 36.39
C ALA B 40 -26.32 23.74 35.64
N ARG B 41 -26.13 23.64 34.33
CA ARG B 41 -27.01 22.81 33.52
C ARG B 41 -26.58 21.35 33.47
N PHE B 42 -25.40 21.03 34.00
CA PHE B 42 -24.93 19.63 34.02
C PHE B 42 -25.05 19.00 35.41
N PRO B 43 -25.43 17.71 35.46
CA PRO B 43 -25.43 16.97 36.74
C PRO B 43 -24.07 16.96 37.43
N GLY B 44 -24.06 16.88 38.76
CA GLY B 44 -22.83 16.98 39.53
C GLY B 44 -21.73 15.98 39.24
N ASP B 45 -22.11 14.79 38.76
CA ASP B 45 -21.14 13.74 38.49
C ASP B 45 -20.72 13.70 37.02
N PHE B 46 -21.07 14.74 36.26
CA PHE B 46 -20.80 14.76 34.83
C PHE B 46 -19.30 14.69 34.57
N LEU B 47 -18.91 13.90 33.56
CA LEU B 47 -17.48 13.67 33.30
C LEU B 47 -16.96 14.56 32.18
N PHE B 48 -16.06 15.48 32.51
CA PHE B 48 -15.41 16.28 31.47
C PHE B 48 -14.00 15.74 31.18
N GLY B 49 -13.64 15.72 29.90
CA GLY B 49 -12.36 15.17 29.50
C GLY B 49 -11.70 15.92 28.35
N VAL B 50 -10.48 15.51 28.01
CA VAL B 50 -9.80 15.97 26.81
C VAL B 50 -9.30 14.69 26.15
N ALA B 51 -9.14 14.72 24.83
CA ALA B 51 -8.87 13.48 24.08
C ALA B 51 -7.77 13.67 23.07
N THR B 52 -7.17 12.55 22.69
CA THR B 52 -5.93 12.59 21.95
C THR B 52 -5.81 11.24 21.20
N ALA B 53 -4.90 11.13 20.23
CA ALA B 53 -4.66 9.86 19.52
C ALA B 53 -3.16 9.62 19.37
N SER B 54 -2.75 8.35 19.38
CA SER B 54 -1.32 8.01 19.43
C SER B 54 -0.50 8.57 18.27
N PHE B 55 -0.91 8.28 17.04
CA PHE B 55 -0.11 8.72 15.89
C PHE B 55 -0.09 10.23 15.76
N GLN B 56 -1.17 10.87 16.19
CA GLN B 56 -1.28 12.32 16.06
C GLN B 56 -0.34 13.11 16.96
N ILE B 57 0.03 12.56 18.11
CA ILE B 57 0.84 13.34 19.06
C ILE B 57 2.19 12.74 19.50
N GLU B 58 2.35 11.41 19.41
CA GLU B 58 3.47 10.74 20.09
C GLU B 58 4.87 11.03 19.51
N GLY B 59 4.99 10.99 18.18
CA GLY B 59 6.30 11.07 17.55
C GLY B 59 7.08 9.81 17.92
N ALA B 60 8.41 9.91 17.91
CA ALA B 60 9.23 8.76 18.31
C ALA B 60 8.81 7.49 17.56
N THR B 61 8.72 7.59 16.24
CA THR B 61 8.16 6.52 15.41
C THR B 61 9.05 5.28 15.25
N LYS B 62 10.34 5.42 15.55
CA LYS B 62 11.27 4.30 15.42
C LYS B 62 12.01 4.03 16.74
N VAL B 63 11.40 4.49 17.83
CA VAL B 63 11.97 4.44 19.17
C VAL B 63 11.45 3.20 19.91
N ASP B 64 12.32 2.57 20.68
CA ASP B 64 11.93 1.49 21.60
C ASP B 64 11.17 0.32 20.95
N GLY B 65 11.54 0.00 19.71
CA GLY B 65 11.00 -1.18 19.06
C GLY B 65 9.75 -0.99 18.22
N ARG B 66 9.23 0.24 18.18
CA ARG B 66 8.07 0.49 17.32
C ARG B 66 8.45 0.26 15.86
N LYS B 67 7.57 -0.43 15.13
CA LYS B 67 7.72 -0.63 13.69
C LYS B 67 6.68 0.19 12.94
N PRO B 68 6.81 0.30 11.61
CA PRO B 68 5.93 1.23 10.91
C PRO B 68 4.43 0.87 10.95
N SER B 69 3.59 1.90 10.91
CA SER B 69 2.16 1.72 10.75
C SER B 69 1.78 2.07 9.32
N ILE B 70 0.53 1.79 8.94
CA ILE B 70 0.09 2.13 7.58
C ILE B 70 0.09 3.64 7.39
N TRP B 71 0.04 4.39 8.49
CA TRP B 71 0.07 5.84 8.36
C TRP B 71 1.47 6.38 8.13
N ASP B 72 2.49 5.71 8.64
CA ASP B 72 3.86 6.08 8.28
C ASP B 72 4.01 5.98 6.77
N ALA B 73 3.55 4.87 6.20
CA ALA B 73 3.67 4.62 4.77
C ALA B 73 2.82 5.62 3.98
N PHE B 74 1.61 5.88 4.47
CA PHE B 74 0.69 6.82 3.82
C PHE B 74 1.30 8.22 3.77
N CYS B 75 1.82 8.69 4.91
CA CYS B 75 2.45 10.02 4.96
C CYS B 75 3.63 10.17 4.03
N ASN B 76 4.46 9.14 3.95
CA ASN B 76 5.71 9.24 3.22
C ASN B 76 5.63 9.04 1.70
N MET B 77 4.52 8.49 1.21
CA MET B 77 4.30 8.37 -0.22
C MET B 77 3.66 9.66 -0.75
N PRO B 78 4.35 10.37 -1.66
CA PRO B 78 3.82 11.63 -2.18
C PRO B 78 2.40 11.47 -2.71
N GLY B 79 1.53 12.42 -2.35
CA GLY B 79 0.17 12.43 -2.83
C GLY B 79 -0.91 12.34 -1.77
N HIS B 80 -0.62 11.65 -0.67
CA HIS B 80 -1.66 11.30 0.30
C HIS B 80 -1.87 12.34 1.39
N VAL B 81 -0.78 12.95 1.86
CA VAL B 81 -0.85 13.84 3.02
C VAL B 81 -0.27 15.22 2.65
N PHE B 82 -0.95 16.29 3.07
CA PHE B 82 -0.43 17.64 2.84
C PHE B 82 1.04 17.81 3.23
N GLY B 83 1.83 18.33 2.29
CA GLY B 83 3.22 18.66 2.56
C GLY B 83 4.11 17.45 2.80
N ARG B 84 3.55 16.27 2.58
CA ARG B 84 4.20 15.01 2.99
C ARG B 84 4.55 15.03 4.46
N HIS B 85 3.75 15.73 5.25
CA HIS B 85 3.96 15.75 6.70
C HIS B 85 3.80 14.34 7.23
N ASN B 86 4.61 13.97 8.22
CA ASN B 86 4.49 12.62 8.81
C ASN B 86 4.42 12.68 10.33
N GLY B 87 4.39 11.51 10.96
CA GLY B 87 4.25 11.46 12.40
C GLY B 87 5.55 11.39 13.17
N ASP B 88 6.68 11.60 12.48
CA ASP B 88 7.99 11.35 13.08
C ASP B 88 8.25 12.10 14.39
N VAL B 89 7.84 13.36 14.43
CA VAL B 89 8.03 14.21 15.61
C VAL B 89 6.71 14.52 16.30
N ALA B 90 5.72 14.93 15.51
CA ALA B 90 4.40 15.31 16.02
C ALA B 90 4.54 16.31 17.17
N CYS B 91 3.92 15.97 18.30
CA CYS B 91 4.00 16.82 19.49
C CYS B 91 5.03 16.29 20.47
N ASP B 92 5.81 15.30 20.04
CA ASP B 92 6.87 14.72 20.87
C ASP B 92 6.33 14.26 22.23
N HIS B 93 5.09 13.77 22.24
CA HIS B 93 4.43 13.39 23.47
C HIS B 93 5.05 12.14 24.09
N TYR B 94 5.66 11.28 23.27
CA TYR B 94 6.32 10.08 23.81
C TYR B 94 7.36 10.49 24.86
N ASN B 95 8.07 11.59 24.58
CA ASN B 95 9.07 12.10 25.51
C ASN B 95 8.50 13.07 26.55
N ARG B 96 7.48 13.83 26.16
CA ARG B 96 6.95 14.89 27.02
C ARG B 96 5.66 14.54 27.75
N TRP B 97 5.33 13.25 27.76
CA TRP B 97 4.06 12.78 28.31
C TRP B 97 3.77 13.26 29.72
N GLU B 98 4.79 13.34 30.57
CA GLU B 98 4.52 13.76 31.95
C GLU B 98 4.17 15.24 32.02
N ASP B 99 4.86 16.08 31.24
CA ASP B 99 4.53 17.49 31.17
C ASP B 99 3.08 17.63 30.74
N ASP B 100 2.67 16.83 29.76
CA ASP B 100 1.32 16.92 29.22
C ASP B 100 0.29 16.46 30.24
N LEU B 101 0.62 15.46 31.05
CA LEU B 101 -0.29 15.04 32.12
C LEU B 101 -0.41 16.12 33.19
N ASP B 102 0.70 16.79 33.50
CA ASP B 102 0.67 17.89 34.48
C ASP B 102 -0.28 18.97 33.99
N LEU B 103 -0.23 19.22 32.68
CA LEU B 103 -1.08 20.24 32.05
C LEU B 103 -2.56 19.91 32.20
N ILE B 104 -2.92 18.66 31.94
CA ILE B 104 -4.29 18.20 32.14
C ILE B 104 -4.72 18.39 33.59
N LYS B 105 -3.83 18.04 34.51
CA LYS B 105 -4.12 18.19 35.93
C LYS B 105 -4.32 19.68 36.27
N GLU B 106 -3.45 20.52 35.73
CA GLU B 106 -3.55 21.97 35.95
C GLU B 106 -4.86 22.55 35.43
N MET B 107 -5.37 22.00 34.33
CA MET B 107 -6.63 22.47 33.77
C MET B 107 -7.83 22.01 34.61
N GLY B 108 -7.60 21.07 35.52
CA GLY B 108 -8.66 20.57 36.38
C GLY B 108 -9.65 19.71 35.63
N VAL B 109 -9.24 19.17 34.49
CA VAL B 109 -10.08 18.27 33.73
C VAL B 109 -10.03 16.88 34.36
N GLU B 110 -11.18 16.25 34.53
CA GLU B 110 -11.24 14.97 35.25
C GLU B 110 -10.68 13.78 34.45
N ALA B 111 -10.98 13.72 33.16
CA ALA B 111 -10.66 12.52 32.37
C ALA B 111 -9.73 12.77 31.18
N TYR B 112 -8.95 11.75 30.83
CA TYR B 112 -8.10 11.79 29.65
C TYR B 112 -8.41 10.58 28.77
N ARG B 113 -8.70 10.87 27.50
CA ARG B 113 -8.92 9.82 26.52
C ARG B 113 -7.75 9.81 25.55
N PHE B 114 -7.11 8.65 25.39
CA PHE B 114 -5.93 8.52 24.56
C PHE B 114 -6.02 7.20 23.81
N SER B 115 -5.20 7.00 22.78
CA SER B 115 -5.21 5.69 22.15
C SER B 115 -3.87 4.99 22.35
N ILE B 116 -3.88 3.68 22.14
CA ILE B 116 -2.68 2.85 22.28
C ILE B 116 -2.14 2.48 20.90
N ALA B 117 -0.84 2.63 20.69
CA ALA B 117 -0.23 2.30 19.41
C ALA B 117 0.11 0.81 19.30
N TRP B 118 -0.76 0.08 18.62
CA TRP B 118 -0.48 -1.31 18.23
C TRP B 118 0.94 -1.51 17.66
N PRO B 119 1.44 -0.57 16.82
CA PRO B 119 2.83 -0.76 16.34
C PRO B 119 3.89 -0.71 17.44
N ARG B 120 3.54 -0.20 18.63
CA ARG B 120 4.45 -0.23 19.76
C ARG B 120 4.33 -1.53 20.56
N ILE B 121 3.12 -2.08 20.59
CA ILE B 121 2.81 -3.21 21.47
C ILE B 121 3.16 -4.55 20.81
N ILE B 122 2.68 -4.73 19.58
CA ILE B 122 3.00 -5.91 18.77
C ILE B 122 3.36 -5.37 17.39
N PRO B 123 4.63 -4.96 17.23
CA PRO B 123 5.14 -4.19 16.10
C PRO B 123 4.82 -4.78 14.72
N ASP B 124 4.74 -6.10 14.60
CA ASP B 124 4.42 -6.73 13.30
C ASP B 124 2.93 -7.09 13.18
N GLY B 125 2.12 -6.67 14.14
CA GLY B 125 0.71 -7.01 14.12
C GLY B 125 0.48 -8.33 14.82
N PHE B 126 0.99 -9.41 14.23
CA PHE B 126 1.17 -10.69 14.91
C PHE B 126 2.62 -10.68 15.40
N GLY B 127 3.04 -11.78 16.03
CA GLY B 127 4.43 -11.91 16.44
C GLY B 127 4.71 -11.51 17.89
N PRO B 128 5.99 -11.36 18.24
CA PRO B 128 6.40 -11.11 19.63
C PRO B 128 5.85 -9.81 20.20
N ILE B 129 5.42 -9.86 21.47
CA ILE B 129 5.00 -8.69 22.20
C ILE B 129 6.23 -7.83 22.53
N ASN B 130 6.12 -6.52 22.36
CA ASN B 130 7.19 -5.59 22.69
C ASN B 130 6.95 -5.03 24.08
N GLU B 131 7.60 -5.61 25.09
CA GLU B 131 7.33 -5.21 26.48
C GLU B 131 7.65 -3.74 26.75
N LYS B 132 8.59 -3.18 26.01
CA LYS B 132 8.94 -1.76 26.20
C LYS B 132 7.81 -0.87 25.69
N GLY B 133 7.04 -1.41 24.75
CA GLY B 133 5.87 -0.69 24.23
C GLY B 133 4.81 -0.61 25.31
N LEU B 134 4.53 -1.74 25.94
CA LEU B 134 3.57 -1.77 27.05
C LEU B 134 4.04 -0.88 28.20
N ASP B 135 5.34 -0.84 28.44
CA ASP B 135 5.90 -0.02 29.52
C ASP B 135 5.48 1.45 29.39
N PHE B 136 5.54 2.00 28.19
CA PHE B 136 5.15 3.38 27.98
C PHE B 136 3.72 3.66 28.44
N TYR B 137 2.78 2.82 28.04
CA TYR B 137 1.41 3.02 28.48
C TYR B 137 1.23 2.65 29.95
N ASP B 138 2.10 1.79 30.45
CA ASP B 138 2.06 1.45 31.87
C ASP B 138 2.40 2.68 32.72
N ARG B 139 3.47 3.39 32.37
CA ARG B 139 3.84 4.63 33.07
C ARG B 139 2.75 5.69 32.92
N LEU B 140 2.23 5.82 31.70
CA LEU B 140 1.21 6.81 31.41
C LEU B 140 0.00 6.64 32.32
N VAL B 141 -0.51 5.41 32.40
CA VAL B 141 -1.70 5.12 33.22
C VAL B 141 -1.41 5.30 34.71
N ASP B 142 -0.24 4.86 35.15
CA ASP B 142 0.20 5.09 36.53
C ASP B 142 0.23 6.59 36.82
N GLY B 143 0.77 7.36 35.88
CA GLY B 143 0.82 8.81 36.02
C GLY B 143 -0.55 9.42 36.17
N CYS B 144 -1.53 8.88 35.46
CA CYS B 144 -2.89 9.38 35.56
C CYS B 144 -3.51 8.97 36.89
N LYS B 145 -3.33 7.70 37.26
CA LYS B 145 -3.85 7.16 38.52
C LYS B 145 -3.48 8.08 39.69
N ALA B 146 -2.22 8.41 39.76
CA ALA B 146 -1.67 9.22 40.84
C ALA B 146 -2.36 10.59 40.91
N ARG B 147 -2.53 11.21 39.74
CA ARG B 147 -3.04 12.57 39.64
C ARG B 147 -4.57 12.62 39.70
N GLY B 148 -5.20 11.47 39.88
CA GLY B 148 -6.65 11.45 39.93
C GLY B 148 -7.30 11.76 38.61
N ILE B 149 -6.59 11.49 37.52
CA ILE B 149 -7.16 11.63 36.17
C ILE B 149 -7.72 10.30 35.67
N LYS B 150 -9.01 10.28 35.32
CA LYS B 150 -9.66 9.07 34.80
C LYS B 150 -9.08 8.70 33.43
N THR B 151 -8.86 7.41 33.20
CA THR B 151 -8.28 6.95 31.94
C THR B 151 -9.29 6.25 31.04
N TYR B 152 -9.44 6.79 29.83
CA TYR B 152 -10.28 6.17 28.80
C TYR B 152 -9.41 5.79 27.61
N ALA B 153 -9.01 4.51 27.53
CA ALA B 153 -8.11 4.09 26.46
C ALA B 153 -8.87 3.62 25.22
N THR B 154 -8.37 4.00 24.05
CA THR B 154 -8.88 3.49 22.78
C THR B 154 -7.84 2.49 22.23
N LEU B 155 -8.26 1.26 21.94
CA LEU B 155 -7.31 0.25 21.46
C LEU B 155 -6.84 0.51 20.03
N TYR B 156 -7.76 0.92 19.15
CA TYR B 156 -7.38 1.19 17.77
C TYR B 156 -7.87 2.55 17.29
N HIS B 157 -6.93 3.45 17.05
CA HIS B 157 -7.22 4.76 16.44
C HIS B 157 -6.41 4.89 15.15
N TRP B 158 -6.50 3.84 14.30
CA TRP B 158 -6.11 3.86 12.88
C TRP B 158 -4.69 3.48 12.54
N ASP B 159 -3.85 3.31 13.55
CA ASP B 159 -2.45 3.03 13.27
C ASP B 159 -2.15 1.54 13.17
N LEU B 160 -2.68 0.91 12.13
CA LEU B 160 -2.46 -0.51 11.89
C LEU B 160 -0.98 -0.77 11.59
N PRO B 161 -0.41 -1.82 12.23
CA PRO B 161 0.96 -2.20 11.87
C PRO B 161 1.08 -2.54 10.38
N LEU B 162 2.05 -1.92 9.71
CA LEU B 162 2.22 -2.05 8.26
C LEU B 162 2.32 -3.51 7.82
N THR B 163 2.99 -4.32 8.63
CA THR B 163 3.21 -5.73 8.27
C THR B 163 1.90 -6.48 7.97
N LEU B 164 0.83 -6.10 8.66
CA LEU B 164 -0.46 -6.77 8.46
C LEU B 164 -1.04 -6.53 7.07
N MET B 165 -0.57 -5.49 6.39
CA MET B 165 -1.02 -5.26 5.01
C MET B 165 -0.60 -6.41 4.10
N GLY B 166 0.44 -7.14 4.48
CA GLY B 166 0.89 -8.30 3.73
C GLY B 166 -0.18 -9.35 3.50
N ASP B 167 -1.03 -9.54 4.51
CA ASP B 167 -2.12 -10.51 4.46
C ASP B 167 -3.38 -9.92 3.85
N GLY B 168 -3.38 -8.61 3.65
CA GLY B 168 -4.54 -7.91 3.10
C GLY B 168 -5.08 -6.85 4.03
N GLY B 169 -4.41 -6.63 5.15
CA GLY B 169 -4.86 -5.64 6.13
C GLY B 169 -6.26 -5.96 6.61
N TRP B 170 -7.11 -4.94 6.71
CA TRP B 170 -8.46 -5.17 7.22
C TRP B 170 -9.32 -5.98 6.27
N ALA B 171 -8.87 -6.12 5.03
CA ALA B 171 -9.58 -6.95 4.05
C ALA B 171 -9.39 -8.43 4.32
N SER B 172 -8.48 -8.74 5.24
CA SER B 172 -8.26 -10.13 5.64
C SER B 172 -8.81 -10.42 7.04
N ARG B 173 -9.57 -11.51 7.16
CA ARG B 173 -10.18 -11.90 8.44
C ARG B 173 -9.11 -12.14 9.51
N SER B 174 -7.93 -12.58 9.07
CA SER B 174 -6.82 -12.83 10.00
C SER B 174 -6.49 -11.57 10.80
N THR B 175 -6.68 -10.40 10.20
CA THR B 175 -6.33 -9.16 10.87
C THR B 175 -7.20 -8.93 12.10
N ALA B 176 -8.44 -9.42 12.06
CA ALA B 176 -9.29 -9.35 13.24
C ALA B 176 -8.76 -10.22 14.38
N HIS B 177 -8.20 -11.38 14.05
CA HIS B 177 -7.61 -12.23 15.07
C HIS B 177 -6.31 -11.64 15.61
N ALA B 178 -5.58 -10.92 14.76
CA ALA B 178 -4.41 -10.20 15.21
C ALA B 178 -4.83 -9.17 16.26
N PHE B 179 -5.92 -8.46 16.00
CA PHE B 179 -6.43 -7.48 16.95
C PHE B 179 -6.90 -8.11 18.27
N GLN B 180 -7.55 -9.26 18.15
CA GLN B 180 -8.05 -10.03 19.29
C GLN B 180 -6.91 -10.32 20.26
N ARG B 181 -5.78 -10.75 19.71
CA ARG B 181 -4.60 -11.04 20.53
C ARG B 181 -4.03 -9.75 21.13
N TYR B 182 -3.98 -8.70 20.31
CA TYR B 182 -3.54 -7.38 20.74
C TYR B 182 -4.38 -6.84 21.90
N ALA B 183 -5.71 -6.91 21.75
CA ALA B 183 -6.61 -6.42 22.79
C ALA B 183 -6.34 -7.10 24.14
N LYS B 184 -6.20 -8.43 24.09
CA LYS B 184 -5.93 -9.22 25.30
C LYS B 184 -4.63 -8.75 25.96
N THR B 185 -3.59 -8.60 25.15
CA THR B 185 -2.26 -8.22 25.61
C THR B 185 -2.26 -6.88 26.32
N VAL B 186 -2.96 -5.91 25.74
CA VAL B 186 -3.04 -4.58 26.33
C VAL B 186 -3.79 -4.59 27.66
N MET B 187 -4.91 -5.30 27.68
CA MET B 187 -5.80 -5.24 28.82
C MET B 187 -5.25 -6.08 29.97
N ALA B 188 -4.43 -7.07 29.64
CA ALA B 188 -3.82 -7.88 30.68
C ALA B 188 -2.87 -7.01 31.50
N ARG B 189 -2.21 -6.08 30.83
CA ARG B 189 -1.28 -5.18 31.50
C ARG B 189 -1.97 -3.99 32.19
N LEU B 190 -2.90 -3.36 31.49
CA LEU B 190 -3.48 -2.10 32.00
C LEU B 190 -4.85 -2.25 32.66
N GLY B 191 -5.43 -3.44 32.58
CA GLY B 191 -6.80 -3.64 33.01
C GLY B 191 -7.08 -3.41 34.48
N ASP B 192 -6.04 -3.45 35.30
CA ASP B 192 -6.21 -3.28 36.74
C ASP B 192 -6.38 -1.81 37.11
N ARG B 193 -6.09 -0.93 36.15
CA ARG B 193 -6.07 0.52 36.44
C ARG B 193 -6.93 1.39 35.50
N LEU B 194 -7.16 0.93 34.28
CA LEU B 194 -7.97 1.69 33.30
C LEU B 194 -9.41 1.90 33.76
N ASP B 195 -9.89 3.13 33.62
CA ASP B 195 -11.27 3.40 34.00
C ASP B 195 -12.28 2.99 32.92
N ALA B 196 -11.84 2.99 31.65
CA ALA B 196 -12.72 2.57 30.57
C ALA B 196 -11.89 2.21 29.36
N VAL B 197 -12.44 1.37 28.49
CA VAL B 197 -11.76 1.04 27.24
C VAL B 197 -12.75 1.03 26.09
N ALA B 198 -12.30 1.51 24.94
CA ALA B 198 -13.06 1.39 23.69
C ALA B 198 -12.19 0.61 22.71
N THR B 199 -12.81 -0.32 22.00
CA THR B 199 -12.10 -1.11 21.00
C THR B 199 -11.58 -0.25 19.86
N PHE B 200 -12.53 0.38 19.16
CA PHE B 200 -12.24 1.18 17.97
C PHE B 200 -12.72 2.61 18.11
N ASN B 201 -12.02 3.49 17.41
CA ASN B 201 -12.45 4.85 17.20
C ASN B 201 -12.83 5.01 15.73
N SER B 202 -14.09 5.37 15.47
CA SER B 202 -14.55 5.73 14.13
C SER B 202 -14.33 4.67 13.02
N PRO B 203 -15.07 3.55 13.08
CA PRO B 203 -14.98 2.57 11.99
C PRO B 203 -15.28 3.20 10.64
N TRP B 204 -16.18 4.18 10.58
CA TRP B 204 -16.49 4.86 9.32
C TRP B 204 -15.22 5.33 8.62
N CYS B 205 -14.29 5.90 9.38
CA CYS B 205 -13.05 6.38 8.79
C CYS B 205 -12.13 5.24 8.39
N ALA B 206 -11.92 4.31 9.31
CA ALA B 206 -11.06 3.15 9.07
C ALA B 206 -11.60 2.26 7.94
N VAL B 207 -12.91 2.32 7.72
CA VAL B 207 -13.54 1.48 6.70
C VAL B 207 -13.72 2.23 5.37
N TRP B 208 -14.70 3.12 5.29
CA TRP B 208 -15.04 3.73 3.99
C TRP B 208 -13.99 4.75 3.55
N LEU B 209 -13.59 5.63 4.46
CA LEU B 209 -12.71 6.73 4.10
C LEU B 209 -11.35 6.17 3.72
N SER B 210 -11.03 5.00 4.28
CA SER B 210 -9.74 4.36 4.07
C SER B 210 -9.72 3.35 2.93
N HIS B 211 -10.86 2.73 2.60
CA HIS B 211 -10.86 1.62 1.64
C HIS B 211 -11.76 1.84 0.43
N LEU B 212 -12.66 2.82 0.53
CA LEU B 212 -13.57 3.14 -0.57
C LEU B 212 -13.25 4.50 -1.19
N TYR B 213 -12.98 5.49 -0.33
CA TYR B 213 -12.74 6.86 -0.77
C TYR B 213 -11.26 7.20 -0.97
N GLY B 214 -10.37 6.39 -0.42
CA GLY B 214 -8.94 6.57 -0.64
C GLY B 214 -8.27 7.73 0.09
N ILE B 215 -9.01 8.37 1.00
CA ILE B 215 -8.50 9.56 1.69
C ILE B 215 -7.60 9.26 2.89
N HIS B 216 -7.87 8.14 3.57
CA HIS B 216 -7.06 7.73 4.71
C HIS B 216 -6.34 6.43 4.41
N ALA B 217 -5.33 6.11 5.22
CA ALA B 217 -4.53 4.91 5.01
C ALA B 217 -5.43 3.67 5.14
N PRO B 218 -5.23 2.65 4.28
CA PRO B 218 -4.14 2.52 3.31
C PRO B 218 -4.44 3.11 1.94
N GLY B 219 -5.52 3.87 1.82
CA GLY B 219 -5.76 4.64 0.62
C GLY B 219 -6.39 3.89 -0.55
N GLU B 220 -7.21 2.88 -0.25
CA GLU B 220 -7.86 2.11 -1.31
C GLU B 220 -9.16 2.74 -1.78
N ARG B 221 -9.59 2.37 -2.98
CA ARG B 221 -10.87 2.81 -3.53
C ARG B 221 -11.55 1.61 -4.20
N ASN B 222 -12.03 0.68 -3.40
CA ASN B 222 -12.59 -0.54 -3.91
C ASN B 222 -13.69 -1.05 -3.00
N MET B 223 -14.88 -1.24 -3.55
CA MET B 223 -16.02 -1.65 -2.73
C MET B 223 -15.81 -3.02 -2.08
N GLU B 224 -15.23 -3.96 -2.83
CA GLU B 224 -14.97 -5.29 -2.27
C GLU B 224 -14.03 -5.22 -1.05
N ALA B 225 -12.98 -4.41 -1.17
CA ALA B 225 -12.02 -4.24 -0.08
C ALA B 225 -12.69 -3.58 1.12
N ALA B 226 -13.50 -2.57 0.86
CA ALA B 226 -14.16 -1.83 1.93
C ALA B 226 -15.20 -2.67 2.66
N LEU B 227 -16.00 -3.45 1.93
CA LEU B 227 -16.99 -4.30 2.58
C LEU B 227 -16.26 -5.35 3.43
N ALA B 228 -15.10 -5.81 2.98
CA ALA B 228 -14.31 -6.75 3.77
C ALA B 228 -13.82 -6.10 5.06
N ALA B 229 -13.29 -4.90 4.95
CA ALA B 229 -12.78 -4.15 6.10
C ALA B 229 -13.94 -3.85 7.05
N MET B 230 -15.09 -3.52 6.47
CA MET B 230 -16.29 -3.25 7.28
C MET B 230 -16.61 -4.44 8.18
N HIS B 231 -16.76 -5.63 7.61
CA HIS B 231 -17.13 -6.77 8.42
C HIS B 231 -16.01 -7.17 9.37
N HIS B 232 -14.77 -7.04 8.93
CA HIS B 232 -13.66 -7.52 9.74
C HIS B 232 -13.38 -6.60 10.92
N ILE B 233 -13.63 -5.31 10.75
CA ILE B 233 -13.52 -4.35 11.85
C ILE B 233 -14.67 -4.55 12.85
N ASN B 234 -15.88 -4.80 12.36
CA ASN B 234 -17.00 -5.13 13.24
C ASN B 234 -16.64 -6.39 14.04
N LEU B 235 -16.11 -7.38 13.34
CA LEU B 235 -15.76 -8.65 13.99
C LEU B 235 -14.67 -8.43 15.04
N ALA B 236 -13.63 -7.68 14.67
CA ALA B 236 -12.52 -7.38 15.58
C ALA B 236 -13.04 -6.66 16.83
N HIS B 237 -13.97 -5.72 16.65
CA HIS B 237 -14.60 -5.08 17.80
C HIS B 237 -15.14 -6.14 18.76
N GLY B 238 -15.95 -7.06 18.24
CA GLY B 238 -16.54 -8.13 19.03
C GLY B 238 -15.49 -9.00 19.70
N PHE B 239 -14.42 -9.31 18.96
CA PHE B 239 -13.32 -10.06 19.53
C PHE B 239 -12.67 -9.30 20.69
N GLY B 240 -12.60 -7.98 20.56
CA GLY B 240 -11.97 -7.14 21.56
C GLY B 240 -12.78 -7.06 22.84
N VAL B 241 -14.10 -7.00 22.69
CA VAL B 241 -15.00 -6.97 23.84
C VAL B 241 -14.83 -8.24 24.64
N GLU B 242 -14.81 -9.38 23.94
CA GLU B 242 -14.63 -10.67 24.62
C GLU B 242 -13.26 -10.76 25.29
N ALA B 243 -12.21 -10.41 24.55
CA ALA B 243 -10.85 -10.45 25.09
C ALA B 243 -10.71 -9.60 26.35
N SER B 244 -11.23 -8.37 26.28
CA SER B 244 -11.10 -7.44 27.41
C SER B 244 -11.87 -7.96 28.63
N ARG B 245 -13.04 -8.54 28.41
CA ARG B 245 -13.86 -9.00 29.52
C ARG B 245 -13.30 -10.25 30.19
N HIS B 246 -12.57 -11.07 29.44
CA HIS B 246 -11.90 -12.21 30.03
C HIS B 246 -10.74 -11.80 30.94
N VAL B 247 -9.87 -10.90 30.48
CA VAL B 247 -8.68 -10.49 31.25
C VAL B 247 -8.90 -9.30 32.20
N ALA B 248 -9.93 -8.48 31.95
CA ALA B 248 -10.20 -7.31 32.78
C ALA B 248 -11.71 -7.07 32.91
N PRO B 249 -12.40 -7.96 33.63
CA PRO B 249 -13.87 -7.94 33.64
C PRO B 249 -14.53 -6.71 34.27
N LYS B 250 -13.81 -5.97 35.12
CA LYS B 250 -14.42 -4.80 35.75
C LYS B 250 -14.32 -3.51 34.92
N VAL B 251 -13.58 -3.55 33.81
CA VAL B 251 -13.42 -2.36 32.97
C VAL B 251 -14.59 -2.19 32.01
N PRO B 252 -15.33 -1.07 32.12
CA PRO B 252 -16.45 -0.83 31.19
C PRO B 252 -15.95 -0.75 29.74
N VAL B 253 -16.60 -1.50 28.85
CA VAL B 253 -16.14 -1.60 27.45
C VAL B 253 -17.10 -0.88 26.53
N GLY B 254 -16.55 -0.09 25.62
CA GLY B 254 -17.36 0.65 24.67
C GLY B 254 -16.81 0.61 23.26
N LEU B 255 -17.50 1.35 22.38
CA LEU B 255 -17.10 1.53 21.00
C LEU B 255 -17.35 3.01 20.65
N VAL B 256 -16.38 3.62 19.98
CA VAL B 256 -16.47 5.04 19.61
C VAL B 256 -16.80 5.18 18.13
N LEU B 257 -17.91 5.87 17.84
CA LEU B 257 -18.39 5.96 16.48
C LEU B 257 -18.65 7.40 16.05
N ASN B 258 -18.19 7.76 14.85
CA ASN B 258 -18.60 9.05 14.30
C ASN B 258 -19.88 8.85 13.52
N ALA B 259 -20.98 8.78 14.25
CA ALA B 259 -22.30 8.68 13.66
C ALA B 259 -22.58 9.97 12.91
N HIS B 260 -23.03 9.86 11.68
CA HIS B 260 -23.31 11.07 10.92
C HIS B 260 -24.73 11.55 11.12
N SER B 261 -24.88 12.85 11.34
CA SER B 261 -26.19 13.49 11.39
C SER B 261 -26.63 13.74 9.95
N VAL B 262 -27.30 12.76 9.36
CA VAL B 262 -27.68 12.85 7.95
C VAL B 262 -28.90 13.77 7.81
N ILE B 263 -28.78 14.80 6.97
CA ILE B 263 -29.91 15.71 6.76
C ILE B 263 -30.21 15.80 5.26
N PRO B 264 -31.44 15.47 4.84
CA PRO B 264 -31.78 15.57 3.41
C PRO B 264 -31.71 17.02 2.94
N ALA B 265 -31.46 17.22 1.65
CA ALA B 265 -31.36 18.57 1.08
C ALA B 265 -32.73 19.21 0.92
N SER B 266 -33.77 18.38 0.82
CA SER B 266 -35.14 18.85 0.65
C SER B 266 -36.10 17.85 1.29
N ASN B 267 -37.40 18.16 1.28
CA ASN B 267 -38.38 17.24 1.84
C ASN B 267 -39.04 16.34 0.79
N SER B 268 -38.48 16.32 -0.41
CA SER B 268 -38.97 15.44 -1.46
C SER B 268 -38.84 13.98 -1.07
N ASP B 269 -39.66 13.12 -1.69
CA ASP B 269 -39.60 11.68 -1.43
C ASP B 269 -38.21 11.17 -1.77
N ALA B 270 -37.67 11.67 -2.87
CA ALA B 270 -36.37 11.23 -3.36
C ALA B 270 -35.25 11.54 -2.37
N ASP B 271 -35.23 12.77 -1.86
CA ASP B 271 -34.21 13.16 -0.89
C ASP B 271 -34.41 12.48 0.48
N MET B 272 -35.67 12.26 0.85
CA MET B 272 -36.00 11.52 2.09
C MET B 272 -35.46 10.10 2.03
N LYS B 273 -35.77 9.39 0.93
CA LYS B 273 -35.29 8.03 0.77
C LYS B 273 -33.76 7.96 0.66
N ALA B 274 -33.18 8.98 0.03
CA ALA B 274 -31.72 9.07 -0.09
C ALA B 274 -31.09 9.24 1.29
N ALA B 275 -31.73 10.04 2.13
CA ALA B 275 -31.22 10.26 3.48
C ALA B 275 -31.17 8.94 4.26
N GLU B 276 -32.19 8.09 4.07
CA GLU B 276 -32.25 6.79 4.73
C GLU B 276 -31.19 5.84 4.19
N ARG B 277 -30.99 5.84 2.86
CA ARG B 277 -29.94 4.98 2.28
C ARG B 277 -28.59 5.38 2.86
N ALA B 278 -28.32 6.68 2.86
CA ALA B 278 -27.09 7.23 3.41
C ALA B 278 -26.94 6.84 4.89
N PHE B 279 -28.04 6.91 5.64
CA PHE B 279 -27.98 6.53 7.04
C PHE B 279 -27.58 5.08 7.21
N GLN B 280 -28.19 4.21 6.42
CA GLN B 280 -27.87 2.78 6.49
C GLN B 280 -26.40 2.47 6.16
N PHE B 281 -25.89 3.14 5.13
CA PHE B 281 -24.53 2.88 4.65
C PHE B 281 -23.49 3.52 5.58
N HIS B 282 -23.74 4.76 5.98
CA HIS B 282 -22.73 5.49 6.74
C HIS B 282 -22.80 5.22 8.24
N ASN B 283 -24.00 4.98 8.76
CA ASN B 283 -24.17 4.67 10.18
C ASN B 283 -24.54 3.22 10.40
N GLY B 284 -25.55 2.76 9.68
CA GLY B 284 -26.10 1.42 9.87
C GLY B 284 -25.11 0.28 9.68
N ALA B 285 -24.10 0.50 8.84
CA ALA B 285 -23.07 -0.52 8.60
C ALA B 285 -22.39 -0.92 9.91
N PHE B 286 -22.45 -0.04 10.90
CA PHE B 286 -21.76 -0.27 12.16
C PHE B 286 -22.76 -0.42 13.32
N PHE B 287 -23.75 0.47 13.38
CA PHE B 287 -24.72 0.45 14.47
C PHE B 287 -25.63 -0.78 14.42
N ASP B 288 -26.02 -1.19 13.23
CA ASP B 288 -26.92 -2.35 13.13
C ASP B 288 -26.29 -3.68 13.55
N PRO B 289 -25.09 -3.99 13.06
CA PRO B 289 -24.47 -5.23 13.55
C PRO B 289 -24.20 -5.17 15.05
N VAL B 290 -23.69 -4.05 15.54
CA VAL B 290 -23.29 -3.91 16.95
C VAL B 290 -24.50 -3.87 17.89
N PHE B 291 -25.56 -3.17 17.50
CA PHE B 291 -26.71 -2.97 18.40
C PHE B 291 -28.01 -3.72 18.05
N LYS B 292 -28.04 -4.35 16.87
CA LYS B 292 -29.21 -5.14 16.47
C LYS B 292 -28.80 -6.52 16.00
N GLY B 293 -27.50 -6.74 15.81
CA GLY B 293 -27.02 -8.04 15.38
C GLY B 293 -27.38 -8.41 13.94
N GLU B 294 -27.48 -7.41 13.08
CA GLU B 294 -27.76 -7.66 11.67
C GLU B 294 -27.23 -6.49 10.84
N TYR B 295 -27.03 -6.70 9.55
CA TYR B 295 -26.64 -5.60 8.66
C TYR B 295 -27.92 -5.01 8.10
N PRO B 296 -27.91 -3.71 7.73
CA PRO B 296 -29.12 -3.09 7.18
C PRO B 296 -29.64 -3.82 5.94
N ALA B 297 -30.94 -4.13 5.91
CA ALA B 297 -31.53 -4.95 4.86
C ALA B 297 -31.31 -4.42 3.45
N GLU B 298 -31.62 -3.15 3.23
CA GLU B 298 -31.48 -2.53 1.91
C GLU B 298 -30.03 -2.48 1.46
N MET B 299 -29.11 -2.30 2.41
CA MET B 299 -27.69 -2.28 2.07
C MET B 299 -27.24 -3.68 1.63
N ILE B 300 -27.73 -4.71 2.30
CA ILE B 300 -27.38 -6.09 1.99
C ILE B 300 -27.94 -6.49 0.64
N GLU B 301 -29.10 -5.93 0.32
CA GLU B 301 -29.75 -6.21 -0.95
C GLU B 301 -28.85 -5.78 -2.09
N ALA B 302 -28.26 -4.59 -1.95
CA ALA B 302 -27.43 -4.01 -2.99
C ALA B 302 -25.96 -4.46 -2.94
N LEU B 303 -25.40 -4.59 -1.74
CA LEU B 303 -23.97 -4.83 -1.59
C LEU B 303 -23.58 -6.23 -1.08
N GLY B 304 -24.57 -7.02 -0.67
CA GLY B 304 -24.31 -8.27 0.04
C GLY B 304 -23.53 -9.30 -0.75
N SER B 305 -23.70 -9.31 -2.07
CA SER B 305 -23.04 -10.28 -2.91
C SER B 305 -21.53 -10.07 -2.95
N ARG B 306 -21.08 -8.88 -2.58
CA ARG B 306 -19.65 -8.56 -2.59
C ARG B 306 -19.02 -8.53 -1.19
N MET B 307 -19.80 -8.95 -0.20
CA MET B 307 -19.32 -9.02 1.17
C MET B 307 -18.46 -10.26 1.38
N PRO B 308 -17.56 -10.21 2.37
CA PRO B 308 -16.78 -11.39 2.74
C PRO B 308 -17.69 -12.43 3.37
N VAL B 309 -17.17 -13.62 3.66
CA VAL B 309 -17.99 -14.63 4.34
C VAL B 309 -18.40 -14.14 5.74
N VAL B 310 -19.69 -14.21 6.03
CA VAL B 310 -20.19 -13.95 7.38
C VAL B 310 -20.45 -15.29 8.01
N GLU B 311 -19.61 -15.67 8.96
CA GLU B 311 -19.76 -16.99 9.58
C GLU B 311 -20.85 -17.00 10.66
N ALA B 312 -21.34 -18.20 10.95
CA ALA B 312 -22.54 -18.41 11.78
C ALA B 312 -22.53 -17.64 13.10
N GLU B 313 -21.38 -17.56 13.75
CA GLU B 313 -21.29 -16.91 15.05
C GLU B 313 -20.95 -15.41 14.98
N ASP B 314 -20.67 -14.89 13.78
CA ASP B 314 -20.13 -13.53 13.67
C ASP B 314 -21.03 -12.42 14.25
N LEU B 315 -22.29 -12.40 13.86
CA LEU B 315 -23.15 -11.29 14.29
C LEU B 315 -23.48 -11.34 15.78
N SER B 316 -23.38 -12.52 16.39
CA SER B 316 -23.62 -12.59 17.83
C SER B 316 -22.38 -12.09 18.58
N ILE B 317 -21.21 -12.36 18.03
CA ILE B 317 -19.96 -11.82 18.57
C ILE B 317 -19.91 -10.30 18.43
N ILE B 318 -20.31 -9.80 17.27
CA ILE B 318 -20.30 -8.37 17.00
C ILE B 318 -21.27 -7.61 17.91
N SER B 319 -22.38 -8.25 18.28
CA SER B 319 -23.45 -7.57 19.01
C SER B 319 -23.45 -7.85 20.51
N GLN B 320 -22.32 -8.25 21.07
CA GLN B 320 -22.21 -8.35 22.53
C GLN B 320 -22.56 -7.03 23.18
N LYS B 321 -23.13 -7.09 24.38
CA LYS B 321 -23.61 -5.89 25.05
C LYS B 321 -22.45 -4.98 25.50
N LEU B 322 -22.63 -3.68 25.31
CA LEU B 322 -21.58 -2.72 25.70
C LEU B 322 -21.96 -1.94 26.95
N ASP B 323 -20.96 -1.48 27.70
CA ASP B 323 -21.21 -0.71 28.92
C ASP B 323 -21.44 0.76 28.62
N TRP B 324 -20.86 1.24 27.52
CA TRP B 324 -21.06 2.62 27.08
C TRP B 324 -20.75 2.69 25.59
N TRP B 325 -21.03 3.84 24.97
CA TRP B 325 -20.55 4.10 23.63
C TRP B 325 -20.17 5.59 23.51
N GLY B 326 -19.29 5.88 22.56
CA GLY B 326 -18.79 7.23 22.38
C GLY B 326 -19.24 7.81 21.06
N LEU B 327 -19.73 9.04 21.09
CA LEU B 327 -20.12 9.76 19.88
C LEU B 327 -19.09 10.82 19.52
N ASN B 328 -18.53 10.71 18.31
CA ASN B 328 -17.73 11.79 17.75
C ASN B 328 -18.63 12.61 16.84
N TYR B 329 -18.73 13.91 17.11
CA TYR B 329 -19.55 14.80 16.28
C TYR B 329 -18.84 16.12 15.97
N TYR B 330 -18.91 16.54 14.71
CA TYR B 330 -18.35 17.83 14.31
C TYR B 330 -19.33 18.67 13.47
N THR B 331 -19.92 18.01 12.48
CA THR B 331 -20.65 18.72 11.42
C THR B 331 -21.69 17.78 10.84
N PRO B 332 -22.80 18.34 10.32
CA PRO B 332 -23.80 17.44 9.73
C PRO B 332 -23.34 16.80 8.42
N MET B 333 -24.02 15.73 8.00
CA MET B 333 -23.84 15.16 6.67
C MET B 333 -25.07 15.43 5.82
N ARG B 334 -25.00 16.47 5.00
CA ARG B 334 -26.16 16.83 4.18
C ARG B 334 -26.09 16.11 2.83
N VAL B 335 -27.16 15.40 2.48
CA VAL B 335 -27.17 14.59 1.26
C VAL B 335 -28.35 14.89 0.35
N ALA B 336 -28.20 14.57 -0.94
CA ALA B 336 -29.31 14.63 -1.89
C ALA B 336 -29.31 13.34 -2.68
N ASP B 337 -30.43 13.04 -3.32
CA ASP B 337 -30.51 11.85 -4.17
C ASP B 337 -29.57 12.02 -5.37
N ASP B 338 -28.91 10.93 -5.74
CA ASP B 338 -28.13 10.91 -6.97
C ASP B 338 -28.82 9.96 -7.92
N ALA B 339 -29.43 10.52 -8.97
CA ALA B 339 -30.23 9.70 -9.88
C ALA B 339 -29.40 9.11 -11.01
N THR B 340 -28.12 9.46 -11.02
CA THR B 340 -27.18 8.98 -12.04
C THR B 340 -27.26 7.47 -12.21
N GLU B 341 -27.49 7.04 -13.44
CA GLU B 341 -27.54 5.62 -13.80
C GLU B 341 -26.30 4.90 -13.28
N GLY B 342 -26.50 3.72 -12.68
CA GLY B 342 -25.40 2.92 -12.20
C GLY B 342 -24.72 3.44 -10.94
N ALA B 343 -25.35 4.39 -10.27
CA ALA B 343 -24.78 4.90 -9.02
C ALA B 343 -24.85 3.83 -7.94
N GLU B 344 -23.73 3.62 -7.25
CA GLU B 344 -23.66 2.61 -6.21
C GLU B 344 -24.39 3.06 -4.96
N PHE B 345 -25.03 2.11 -4.28
CA PHE B 345 -25.62 2.36 -2.95
C PHE B 345 -24.56 3.05 -2.11
N PRO B 346 -24.95 4.11 -1.39
CA PRO B 346 -26.33 4.56 -1.18
C PRO B 346 -26.88 5.52 -2.23
N ALA B 347 -26.15 5.75 -3.32
CA ALA B 347 -26.60 6.62 -4.40
C ALA B 347 -27.09 7.98 -3.90
N THR B 348 -26.20 8.72 -3.24
CA THR B 348 -26.47 10.08 -2.82
C THR B 348 -25.30 10.95 -3.25
N LYS B 349 -25.48 12.26 -3.12
CA LYS B 349 -24.42 13.21 -3.36
C LYS B 349 -24.49 14.30 -2.31
N GLN B 350 -23.38 14.99 -2.09
CA GLN B 350 -23.34 16.07 -1.12
C GLN B 350 -24.33 17.18 -1.42
N ALA B 351 -25.01 17.65 -0.37
CA ALA B 351 -25.91 18.80 -0.45
C ALA B 351 -25.21 19.99 0.18
N PRO B 352 -25.57 21.22 -0.23
CA PRO B 352 -24.90 22.43 0.28
C PRO B 352 -25.19 22.72 1.75
N ALA B 353 -24.28 23.43 2.41
CA ALA B 353 -24.46 23.80 3.81
C ALA B 353 -25.61 24.80 3.95
N VAL B 354 -26.25 24.83 5.11
CA VAL B 354 -27.31 25.81 5.37
C VAL B 354 -26.71 27.01 6.07
N SER B 355 -26.01 26.74 7.17
CA SER B 355 -25.27 27.78 7.88
C SER B 355 -24.14 28.32 6.99
N ASP B 356 -23.74 29.57 7.25
CA ASP B 356 -22.59 30.15 6.54
C ASP B 356 -21.36 30.19 7.45
N VAL B 357 -21.51 29.70 8.68
CA VAL B 357 -20.38 29.59 9.61
C VAL B 357 -19.62 28.30 9.29
N LYS B 358 -18.32 28.42 9.05
CA LYS B 358 -17.46 27.28 8.75
C LYS B 358 -16.21 27.37 9.62
N THR B 359 -15.62 26.22 9.95
CA THR B 359 -14.33 26.21 10.60
C THR B 359 -13.24 26.40 9.55
N ASP B 360 -11.99 26.49 10.00
CA ASP B 360 -10.88 26.72 9.08
C ASP B 360 -10.53 25.52 8.20
N ILE B 361 -11.12 24.37 8.49
CA ILE B 361 -10.95 23.19 7.64
C ILE B 361 -12.11 23.07 6.66
N GLY B 362 -13.03 24.03 6.73
CA GLY B 362 -14.16 24.09 5.82
C GLY B 362 -15.47 23.46 6.28
N TRP B 363 -15.50 22.92 7.49
CA TRP B 363 -16.68 22.19 7.97
C TRP B 363 -17.75 23.12 8.50
N GLU B 364 -18.99 22.88 8.07
CA GLU B 364 -20.12 23.70 8.50
C GLU B 364 -20.32 23.59 10.00
N VAL B 365 -20.55 24.72 10.66
CA VAL B 365 -20.93 24.72 12.06
C VAL B 365 -22.45 24.75 12.19
N TYR B 366 -23.04 23.64 12.66
CA TYR B 366 -24.49 23.57 12.85
C TYR B 366 -24.85 22.70 14.05
N ALA B 367 -24.80 23.30 15.23
CA ALA B 367 -25.05 22.60 16.49
C ALA B 367 -26.34 21.78 16.60
N PRO B 368 -27.49 22.31 16.12
CA PRO B 368 -28.73 21.54 16.26
C PRO B 368 -28.63 20.13 15.69
N ALA B 369 -27.75 19.93 14.71
CA ALA B 369 -27.60 18.62 14.08
C ALA B 369 -27.12 17.58 15.08
N LEU B 370 -26.48 18.01 16.16
CA LEU B 370 -26.08 17.08 17.21
C LEU B 370 -27.32 16.65 18.00
N HIS B 371 -28.24 17.58 18.22
CA HIS B 371 -29.46 17.23 18.94
C HIS B 371 -30.28 16.20 18.17
N SER B 372 -30.52 16.47 16.89
CA SER B 372 -31.34 15.58 16.08
C SER B 372 -30.68 14.21 15.90
N LEU B 373 -29.35 14.21 15.89
CA LEU B 373 -28.60 12.96 15.77
C LEU B 373 -28.84 12.05 16.98
N VAL B 374 -28.65 12.56 18.20
CA VAL B 374 -28.81 11.73 19.39
C VAL B 374 -30.24 11.26 19.55
N GLU B 375 -31.18 12.18 19.33
CA GLU B 375 -32.59 11.85 19.32
C GLU B 375 -32.87 10.68 18.38
N THR B 376 -32.34 10.77 17.16
CA THR B 376 -32.54 9.73 16.16
C THR B 376 -31.95 8.39 16.61
N LEU B 377 -30.70 8.41 17.07
CA LEU B 377 -30.02 7.17 17.45
C LEU B 377 -30.75 6.43 18.56
N TYR B 378 -31.17 7.14 19.58
CA TYR B 378 -31.86 6.52 20.72
C TYR B 378 -33.27 6.02 20.37
N GLU B 379 -33.87 6.59 19.33
CA GLU B 379 -35.17 6.09 18.87
C GLU B 379 -35.01 4.79 18.11
N ARG B 380 -33.92 4.73 17.34
CA ARG B 380 -33.70 3.65 16.40
C ARG B 380 -32.96 2.49 17.05
N TYR B 381 -32.12 2.78 18.02
CA TYR B 381 -31.32 1.71 18.63
C TYR B 381 -31.47 1.63 20.13
N GLU B 382 -31.24 0.42 20.66
CA GLU B 382 -31.14 0.21 22.10
C GLU B 382 -29.68 0.38 22.51
N LEU B 383 -29.37 1.55 23.06
CA LEU B 383 -27.99 1.96 23.30
C LEU B 383 -27.71 2.09 24.78
N PRO B 384 -26.42 1.93 25.18
CA PRO B 384 -26.04 2.13 26.57
C PRO B 384 -25.73 3.60 26.82
N ASP B 385 -25.18 3.93 27.99
CA ASP B 385 -24.75 5.28 28.33
C ASP B 385 -23.90 5.90 27.20
N CYS B 386 -24.04 7.20 27.01
CA CYS B 386 -23.35 7.89 25.93
C CYS B 386 -22.36 8.92 26.44
N TYR B 387 -21.13 8.86 25.94
CA TYR B 387 -20.14 9.91 26.15
C TYR B 387 -19.83 10.57 24.82
N ILE B 388 -19.86 11.90 24.77
CA ILE B 388 -19.34 12.59 23.60
C ILE B 388 -17.82 12.46 23.66
N THR B 389 -17.25 11.64 22.77
CA THR B 389 -15.82 11.33 22.86
C THR B 389 -14.95 12.27 22.02
N GLU B 390 -15.58 12.94 21.06
CA GLU B 390 -14.93 13.96 20.27
C GLU B 390 -15.91 15.05 19.85
N ASN B 391 -15.52 16.31 20.09
CA ASN B 391 -16.25 17.46 19.61
C ASN B 391 -15.30 18.62 19.71
N GLY B 392 -15.19 19.40 18.64
CA GLY B 392 -14.21 20.47 18.58
C GLY B 392 -14.19 21.07 17.20
N ALA B 393 -13.19 21.92 16.94
CA ALA B 393 -13.21 22.73 15.73
C ALA B 393 -11.82 23.14 15.29
N CYS B 394 -11.63 23.19 13.97
CA CYS B 394 -10.38 23.66 13.40
C CYS B 394 -10.38 25.18 13.30
N TYR B 395 -9.48 25.83 14.04
CA TYR B 395 -9.22 27.25 13.88
C TYR B 395 -7.74 27.47 14.08
N ASN B 396 -7.12 28.17 13.13
CA ASN B 396 -5.66 28.12 12.99
C ASN B 396 -4.87 29.29 13.58
N MET B 397 -5.50 30.11 14.42
CA MET B 397 -4.77 31.22 15.02
C MET B 397 -3.66 30.74 15.95
N GLY B 398 -2.56 31.48 15.96
CA GLY B 398 -1.42 31.17 16.79
C GLY B 398 -1.22 32.10 17.98
N VAL B 399 0.01 32.16 18.48
CA VAL B 399 0.33 32.91 19.69
C VAL B 399 0.66 34.38 19.42
N GLU B 400 0.04 35.27 20.19
CA GLU B 400 0.42 36.68 20.28
C GLU B 400 0.30 37.14 21.73
N ASN B 401 1.38 37.73 22.27
CA ASN B 401 1.40 38.19 23.66
C ASN B 401 1.21 37.04 24.65
N GLY B 402 1.80 35.89 24.34
CA GLY B 402 1.70 34.71 25.18
C GLY B 402 0.31 34.12 25.28
N GLU B 403 -0.57 34.53 24.36
CA GLU B 403 -1.96 34.09 24.40
C GLU B 403 -2.43 33.68 23.01
N VAL B 404 -3.49 32.89 22.96
CA VAL B 404 -4.13 32.52 21.70
C VAL B 404 -5.61 32.89 21.75
N ASP B 405 -5.96 33.95 21.05
CA ASP B 405 -7.35 34.43 20.98
C ASP B 405 -8.12 33.61 19.96
N ASP B 406 -8.64 32.47 20.38
CA ASP B 406 -9.40 31.60 19.48
C ASP B 406 -10.89 31.63 19.80
N GLN B 407 -11.44 32.84 19.89
CA GLN B 407 -12.87 33.01 20.20
C GLN B 407 -13.85 32.11 19.41
N PRO B 408 -13.62 31.90 18.10
CA PRO B 408 -14.60 31.04 17.45
C PRO B 408 -14.60 29.60 17.96
N ARG B 409 -13.46 29.11 18.45
CA ARG B 409 -13.42 27.77 19.04
C ARG B 409 -14.17 27.77 20.38
N LEU B 410 -14.00 28.84 21.15
CA LEU B 410 -14.75 28.97 22.41
C LEU B 410 -16.25 28.99 22.13
N ASP B 411 -16.66 29.82 21.16
CA ASP B 411 -18.07 29.85 20.74
C ASP B 411 -18.55 28.47 20.29
N TYR B 412 -17.73 27.76 19.52
CA TYR B 412 -18.10 26.41 19.09
C TYR B 412 -18.39 25.51 20.29
N TYR B 413 -17.49 25.51 21.27
CA TYR B 413 -17.68 24.69 22.47
C TYR B 413 -18.93 25.09 23.28
N ALA B 414 -19.02 26.38 23.61
CA ALA B 414 -20.20 26.91 24.33
C ALA B 414 -21.51 26.46 23.67
N GLU B 415 -21.57 26.59 22.35
CA GLU B 415 -22.78 26.24 21.62
C GLU B 415 -23.08 24.74 21.63
N HIS B 416 -22.06 23.90 21.42
CA HIS B 416 -22.32 22.46 21.38
C HIS B 416 -22.55 21.87 22.77
N LEU B 417 -21.87 22.42 23.77
CA LEU B 417 -22.10 21.98 25.16
C LEU B 417 -23.51 22.34 25.59
N GLY B 418 -24.00 23.48 25.09
CA GLY B 418 -25.38 23.86 25.29
C GLY B 418 -26.33 22.78 24.80
N ILE B 419 -26.03 22.25 23.61
CA ILE B 419 -26.82 21.15 23.05
C ILE B 419 -26.75 19.90 23.93
N VAL B 420 -25.55 19.55 24.39
CA VAL B 420 -25.41 18.39 25.28
C VAL B 420 -26.26 18.57 26.53
N ALA B 421 -26.24 19.77 27.10
CA ALA B 421 -27.09 20.07 28.27
C ALA B 421 -28.58 19.93 27.94
N ASP B 422 -28.98 20.37 26.75
CA ASP B 422 -30.34 20.16 26.27
C ASP B 422 -30.68 18.68 26.22
N LEU B 423 -29.76 17.86 25.72
CA LEU B 423 -29.99 16.41 25.65
C LEU B 423 -30.15 15.79 27.04
N VAL B 424 -29.38 16.29 27.99
CA VAL B 424 -29.49 15.85 29.37
C VAL B 424 -30.89 16.19 29.92
N LYS B 425 -31.33 17.42 29.67
CA LYS B 425 -32.66 17.86 30.09
C LYS B 425 -33.75 16.98 29.47
N ASP B 426 -33.53 16.49 28.26
CA ASP B 426 -34.52 15.69 27.56
C ASP B 426 -34.60 14.26 28.06
N GLY B 427 -33.66 13.86 28.93
CA GLY B 427 -33.69 12.54 29.51
C GLY B 427 -32.71 11.54 28.91
N TYR B 428 -31.87 12.00 27.99
CA TYR B 428 -30.89 11.09 27.36
C TYR B 428 -29.71 10.81 28.29
N PRO B 429 -29.16 9.58 28.23
CA PRO B 429 -28.09 9.21 29.16
C PRO B 429 -26.71 9.72 28.75
N MET B 430 -26.56 11.04 28.68
CA MET B 430 -25.28 11.67 28.40
C MET B 430 -24.46 11.78 29.69
N ARG B 431 -23.37 11.01 29.78
CA ARG B 431 -22.63 10.92 31.04
C ARG B 431 -21.33 11.71 31.05
N GLY B 432 -20.88 12.14 29.87
CA GLY B 432 -19.62 12.85 29.81
C GLY B 432 -19.32 13.50 28.47
N TYR B 433 -18.24 14.29 28.45
CA TYR B 433 -17.87 15.01 27.24
C TYR B 433 -16.37 15.21 27.18
N PHE B 434 -15.77 14.82 26.05
CA PHE B 434 -14.34 14.99 25.81
C PHE B 434 -14.12 15.99 24.68
N ALA B 435 -13.39 17.06 24.96
CA ALA B 435 -13.06 18.04 23.92
C ALA B 435 -11.96 17.48 23.03
N TRP B 436 -12.21 17.50 21.73
CA TRP B 436 -11.21 17.14 20.73
C TRP B 436 -10.44 18.30 20.27
N SER B 437 -9.29 17.94 20.80
CA SER B 437 -7.92 17.98 20.93
C SER B 437 -7.42 18.69 22.06
N LEU B 438 -6.72 17.97 22.91
CA LEU B 438 -6.03 18.55 23.97
C LEU B 438 -5.07 19.53 23.33
N MET B 439 -4.29 19.11 22.31
CA MET B 439 -3.43 19.98 21.64
C MET B 439 -3.51 19.90 20.14
N ASP B 440 -2.91 20.92 19.52
CA ASP B 440 -2.73 20.89 18.08
C ASP B 440 -1.86 19.69 17.75
N ASN B 441 -2.18 18.99 16.66
CA ASN B 441 -1.39 17.81 16.29
C ASN B 441 -1.43 17.47 14.82
N PHE B 442 -0.84 16.33 14.45
CA PHE B 442 -0.93 15.83 13.09
C PHE B 442 -2.38 15.52 12.76
N GLU B 443 -2.93 16.18 11.75
CA GLU B 443 -4.32 15.96 11.38
C GLU B 443 -4.49 15.17 10.10
N TRP B 444 -3.93 13.96 10.10
CA TRP B 444 -4.16 12.98 9.03
C TRP B 444 -3.84 13.56 7.65
N ALA B 445 -4.76 13.48 6.70
CA ALA B 445 -4.45 13.97 5.34
C ALA B 445 -4.09 15.45 5.27
N GLU B 446 -4.49 16.22 6.29
CA GLU B 446 -4.20 17.65 6.34
C GLU B 446 -2.80 17.97 6.90
N GLY B 447 -2.11 16.95 7.39
CA GLY B 447 -0.82 17.22 8.01
C GLY B 447 -0.97 18.15 9.20
N TYR B 448 0.00 19.05 9.39
CA TYR B 448 0.02 19.92 10.57
C TYR B 448 -0.65 21.28 10.36
N ARG B 449 -1.17 21.50 9.16
CA ARG B 449 -1.74 22.81 8.82
C ARG B 449 -3.06 23.14 9.53
N MET B 450 -3.75 22.10 9.98
CA MET B 450 -5.06 22.30 10.61
C MET B 450 -5.02 22.10 12.13
N ARG B 451 -5.29 23.16 12.89
CA ARG B 451 -5.19 23.10 14.35
C ARG B 451 -6.55 22.86 15.03
N PHE B 452 -6.65 21.79 15.83
CA PHE B 452 -7.87 21.48 16.60
C PHE B 452 -7.69 21.61 18.12
N GLY B 453 -6.52 22.03 18.57
CA GLY B 453 -6.20 21.93 19.99
C GLY B 453 -6.83 22.98 20.88
N LEU B 454 -7.04 22.61 22.15
CA LEU B 454 -7.32 23.56 23.23
C LEU B 454 -6.01 24.18 23.67
N VAL B 455 -4.92 23.47 23.37
CA VAL B 455 -3.57 23.90 23.68
C VAL B 455 -2.80 24.06 22.38
N HIS B 456 -2.26 25.25 22.14
CA HIS B 456 -1.41 25.48 20.98
C HIS B 456 -0.05 24.79 21.09
N VAL B 457 0.42 24.19 19.99
CA VAL B 457 1.77 23.66 19.95
C VAL B 457 2.59 24.35 18.87
N ASP B 458 3.73 24.93 19.24
CA ASP B 458 4.66 25.46 18.26
C ASP B 458 5.59 24.29 17.90
N TYR B 459 5.54 23.86 16.64
CA TYR B 459 6.27 22.64 16.28
C TYR B 459 7.78 22.84 16.23
N GLU B 460 8.21 24.09 16.10
CA GLU B 460 9.65 24.42 16.12
C GLU B 460 10.25 24.23 17.50
N THR B 461 9.52 24.64 18.53
CA THR B 461 10.01 24.63 19.90
C THR B 461 9.30 23.61 20.81
N GLN B 462 8.16 23.09 20.35
CA GLN B 462 7.33 22.17 21.13
C GLN B 462 6.71 22.81 22.38
N VAL B 463 6.76 24.14 22.46
CA VAL B 463 6.14 24.86 23.57
C VAL B 463 4.62 24.74 23.52
N ARG B 464 4.03 24.38 24.66
CA ARG B 464 2.57 24.34 24.80
C ARG B 464 2.04 25.67 25.33
N THR B 465 1.01 26.20 24.69
CA THR B 465 0.35 27.42 25.18
C THR B 465 -1.16 27.19 25.24
N LEU B 466 -1.74 27.16 26.44
CA LEU B 466 -3.18 27.00 26.57
C LEU B 466 -3.89 28.16 25.87
N LYS B 467 -4.86 27.85 25.01
CA LYS B 467 -5.56 28.88 24.26
C LYS B 467 -6.70 29.43 25.12
N ASN B 468 -7.30 30.53 24.70
CA ASN B 468 -8.42 31.09 25.42
C ASN B 468 -9.58 30.11 25.54
N SER B 469 -9.85 29.36 24.48
CA SER B 469 -10.88 28.32 24.55
C SER B 469 -10.52 27.30 25.62
N GLY B 470 -9.24 26.99 25.74
CA GLY B 470 -8.78 26.05 26.76
C GLY B 470 -8.95 26.57 28.17
N LYS B 471 -8.70 27.87 28.37
CA LYS B 471 -8.87 28.49 29.66
C LYS B 471 -10.34 28.47 30.05
N TRP B 472 -11.20 28.70 29.06
CA TRP B 472 -12.63 28.63 29.27
C TRP B 472 -13.09 27.21 29.60
N TYR B 473 -12.60 26.23 28.85
CA TYR B 473 -12.98 24.84 29.12
C TYR B 473 -12.44 24.38 30.48
N SER B 474 -11.21 24.79 30.78
CA SER B 474 -10.65 24.53 32.11
C SER B 474 -11.52 25.10 33.21
N ALA B 475 -11.99 26.34 33.02
CA ALA B 475 -12.85 26.99 34.00
C ALA B 475 -14.14 26.21 34.22
N LEU B 476 -14.73 25.69 33.14
CA LEU B 476 -15.95 24.89 33.22
C LEU B 476 -15.71 23.54 33.90
N ALA B 477 -14.69 22.82 33.44
CA ALA B 477 -14.45 21.45 33.87
C ALA B 477 -14.02 21.37 35.33
N SER B 478 -13.31 22.40 35.78
CA SER B 478 -12.73 22.40 37.13
C SER B 478 -13.75 22.37 38.26
N GLY B 479 -15.01 22.63 37.94
CA GLY B 479 -16.07 22.60 38.95
C GLY B 479 -16.75 21.25 39.05
N PHE B 480 -16.23 20.26 38.34
CA PHE B 480 -16.79 18.92 38.39
C PHE B 480 -15.73 17.94 38.85
N PRO B 481 -16.10 16.99 39.73
CA PRO B 481 -17.43 16.76 40.31
C PRO B 481 -17.86 17.88 41.27
N LYS B 482 -19.15 18.22 41.26
CA LYS B 482 -19.67 19.35 42.04
C LYS B 482 -19.60 19.11 43.55
C1 SA0 C . 6.75 -8.77 -17.91
O1 SA0 C . 6.50 -7.53 -17.44
C2 SA0 C . 7.53 -9.44 -16.78
O2 SA0 C . 8.91 -9.08 -16.73
C3 SA0 C . 7.34 -10.87 -16.60
O3 SA0 C . 7.79 -11.17 -15.25
C4 SA0 C . 5.93 -11.27 -16.78
O4 SA0 C . 5.86 -12.68 -16.67
C5 SA0 C . 5.35 -10.79 -18.09
O5 SA0 C . 5.44 -9.38 -18.24
C6 SA0 C . 3.94 -11.18 -18.29
O6 SA0 C . 2.93 -10.84 -17.37
OAA SA0 C . 2.33 -6.59 -17.17
CAF SA0 C . 4.61 -5.08 -20.28
CAG SA0 C . 5.97 -5.48 -20.45
CAH SA0 C . 3.89 -5.51 -19.16
CAI SA0 C . 6.58 -6.29 -19.49
CAJ SA0 C . 3.70 -6.78 -17.03
CAN SA0 C . 4.50 -6.34 -18.18
CAO SA0 C . 5.86 -6.74 -18.36
C1 SA0 D . -11.79 12.76 13.27
O1 SA0 D . -12.31 11.86 12.40
C2 SA0 D . -10.70 12.02 14.02
O2 SA0 D . -11.19 10.99 14.90
C3 SA0 D . -9.69 12.83 14.69
O3 SA0 D . -8.57 11.94 15.05
C4 SA0 D . -9.24 13.94 13.83
O4 SA0 D . -8.42 14.78 14.59
C5 SA0 D . -10.36 14.75 13.21
O5 SA0 D . -11.28 13.92 12.48
C6 SA0 D . -9.89 15.81 12.29
O6 SA0 D . -8.97 15.56 11.27
OAA SA0 D . -10.95 13.54 8.64
CAF SA0 D . -14.95 13.39 9.47
CAG SA0 D . -15.43 12.97 10.74
CAH SA0 D . -13.59 13.30 9.17
CAI SA0 D . -14.53 12.48 11.69
CAJ SA0 D . -11.27 12.74 9.74
CAN SA0 D . -12.68 12.79 10.13
CAO SA0 D . -13.15 12.39 11.42
#